data_8PHB
#
_entry.id   8PHB
#
_cell.length_a   65.238
_cell.length_b   90.428
_cell.length_c   65.616
_cell.angle_alpha   90.00
_cell.angle_beta   99.56
_cell.angle_gamma   90.00
#
_symmetry.space_group_name_H-M   'P 1 21 1'
#
loop_
_entity.id
_entity.type
_entity.pdbx_description
1 polymer 'CRISPR-associated protein, APE2256 family'
2 water water
#
_entity_poly.entity_id   1
_entity_poly.type   'polypeptide(L)'
_entity_poly.pdbx_seq_one_letter_code
;MAVYLCTCGTSAAKKFFGQTPRFDAAWVTEHGGVEAASKVIYDTFRTARLDDEVALKRDLSAEIHSLARMGVNDKDTVVL
FSSETADGQACAWAVKRYLEQARPGILCRIEVVAGLQVTDAHVFRTAGVLNFTKAVLHEIDANGTGQCVLNPTGGFKSLV
PYTVLIGMLRGVPAKYIFEQSSALIPLPMMPVEFARSRLEPLRPLLERIQNETAIPRAELDKALPSFEEREILDSLFEDV
GQGQVSLSPVGFLIWEELERPTALVPFLSRRALDDLLKMRATEGTAPDDYITRVARSPEQLAIGKHESWSKGLFWLKRGE
HTRDRYLVSVEGWRLLVWRIVDHDEYDDLLTQNRKTDAGARVVAERREKYAPFVRLELYEDGEGWSHPQFEKGVEGHHHH
HHHHHH
;
_entity_poly.pdbx_strand_id   A,B
#
# COMPACT_ATOMS: atom_id res chain seq x y z
N ALA A 2 3.25 -22.01 -13.96
CA ALA A 2 3.09 -20.65 -13.46
C ALA A 2 2.64 -19.73 -14.59
N VAL A 3 1.93 -18.66 -14.23
CA VAL A 3 1.46 -17.67 -15.18
C VAL A 3 2.17 -16.36 -14.88
N TYR A 4 3.13 -15.99 -15.73
CA TYR A 4 3.97 -14.83 -15.48
C TYR A 4 3.35 -13.62 -16.15
N LEU A 5 3.00 -12.63 -15.36
CA LEU A 5 2.31 -11.44 -15.85
C LEU A 5 3.37 -10.35 -15.94
N CYS A 6 3.89 -10.12 -17.15
CA CYS A 6 5.12 -9.35 -17.35
C CYS A 6 4.84 -8.01 -17.98
N THR A 7 5.32 -6.94 -17.36
N THR A 7 5.29 -6.94 -17.34
CA THR A 7 5.28 -5.63 -17.99
CA THR A 7 5.33 -5.64 -17.98
C THR A 7 6.48 -5.49 -18.91
C THR A 7 6.49 -5.61 -18.96
N CYS A 8 6.25 -5.05 -20.15
N CYS A 8 6.28 -5.01 -20.13
CA CYS A 8 7.30 -5.06 -21.16
CA CYS A 8 7.23 -5.10 -21.24
C CYS A 8 7.79 -3.66 -21.47
C CYS A 8 7.72 -3.71 -21.64
N GLY A 9 9.02 -3.62 -21.96
CA GLY A 9 9.67 -2.40 -22.40
C GLY A 9 10.31 -2.64 -23.75
N THR A 10 11.33 -1.82 -24.06
CA THR A 10 11.98 -1.92 -25.37
C THR A 10 13.44 -2.40 -25.26
N SER A 11 13.82 -3.04 -24.16
CA SER A 11 15.22 -3.46 -24.03
C SER A 11 15.58 -4.55 -25.05
N ALA A 12 14.59 -5.24 -25.62
CA ALA A 12 14.88 -6.23 -26.66
C ALA A 12 15.58 -5.60 -27.86
N ALA A 13 15.35 -4.32 -28.09
CA ALA A 13 15.92 -3.62 -29.24
C ALA A 13 17.19 -2.83 -28.89
N LYS A 14 17.80 -3.11 -27.72
CA LYS A 14 18.93 -2.29 -27.25
C LYS A 14 20.07 -2.24 -28.26
N LYS A 15 20.22 -3.26 -29.09
CA LYS A 15 21.28 -3.23 -30.08
C LYS A 15 21.10 -2.10 -31.07
N PHE A 16 19.86 -1.62 -31.28
CA PHE A 16 19.60 -0.55 -32.21
C PHE A 16 19.66 0.83 -31.57
N PHE A 17 19.99 0.93 -30.28
CA PHE A 17 19.99 2.22 -29.61
C PHE A 17 21.21 3.01 -30.03
N GLY A 18 21.03 4.32 -30.21
CA GLY A 18 22.09 5.18 -30.67
C GLY A 18 22.24 5.26 -32.17
N GLN A 19 21.54 4.43 -32.93
CA GLN A 19 21.58 4.49 -34.38
C GLN A 19 20.69 5.62 -34.89
N THR A 20 20.96 6.01 -36.14
CA THR A 20 20.15 6.99 -36.86
C THR A 20 19.89 6.45 -38.27
N PRO A 21 18.63 6.28 -38.69
CA PRO A 21 17.36 6.51 -37.99
C PRO A 21 17.27 5.78 -36.65
N ARG A 22 16.69 6.43 -35.65
CA ARG A 22 16.59 5.81 -34.34
C ARG A 22 15.56 4.68 -34.35
N PHE A 23 15.58 3.88 -33.30
CA PHE A 23 14.57 2.85 -33.14
C PHE A 23 13.31 3.50 -32.57
N ASP A 24 12.23 3.45 -33.33
CA ASP A 24 10.95 4.04 -32.92
C ASP A 24 9.85 3.43 -33.78
N ALA A 25 8.66 4.06 -33.75
CA ALA A 25 7.54 3.51 -34.51
C ALA A 25 7.78 3.58 -36.02
N ALA A 26 8.43 4.65 -36.49
CA ALA A 26 8.74 4.75 -37.91
C ALA A 26 9.71 3.68 -38.35
N TRP A 27 10.67 3.33 -37.48
CA TRP A 27 11.60 2.23 -37.74
C TRP A 27 10.85 0.92 -37.94
N VAL A 28 9.85 0.65 -37.10
CA VAL A 28 9.03 -0.56 -37.26
C VAL A 28 8.32 -0.55 -38.61
N THR A 29 7.73 0.60 -38.98
CA THR A 29 7.06 0.69 -40.27
C THR A 29 8.03 0.47 -41.41
N GLU A 30 9.22 1.07 -41.32
N GLU A 30 9.22 1.05 -41.31
CA GLU A 30 10.20 0.92 -42.39
CA GLU A 30 10.18 0.91 -42.41
C GLU A 30 10.64 -0.52 -42.55
C GLU A 30 10.65 -0.53 -42.55
N HIS A 31 10.65 -1.30 -41.47
CA HIS A 31 11.04 -2.69 -41.51
C HIS A 31 9.87 -3.64 -41.68
N GLY A 32 8.71 -3.15 -42.15
CA GLY A 32 7.65 -4.01 -42.61
C GLY A 32 6.47 -4.16 -41.68
N GLY A 33 6.42 -3.45 -40.55
CA GLY A 33 5.35 -3.60 -39.56
C GLY A 33 5.81 -4.43 -38.38
N VAL A 34 4.90 -4.53 -37.40
CA VAL A 34 5.23 -5.14 -36.11
C VAL A 34 5.78 -6.55 -36.25
N GLU A 35 5.08 -7.41 -37.00
CA GLU A 35 5.54 -8.80 -37.08
C GLU A 35 6.90 -8.90 -37.75
N ALA A 36 7.05 -8.27 -38.92
CA ALA A 36 8.32 -8.33 -39.63
C ALA A 36 9.43 -7.66 -38.84
N ALA A 37 9.15 -6.50 -38.27
CA ALA A 37 10.18 -5.83 -37.49
C ALA A 37 10.59 -6.65 -36.28
N SER A 38 9.66 -7.43 -35.71
CA SER A 38 10.02 -8.22 -34.53
C SER A 38 11.06 -9.28 -34.87
N LYS A 39 11.08 -9.75 -36.11
CA LYS A 39 12.08 -10.72 -36.54
C LYS A 39 13.44 -10.05 -36.63
N VAL A 40 13.48 -8.81 -37.13
CA VAL A 40 14.75 -8.08 -37.22
C VAL A 40 15.30 -7.84 -35.82
N ILE A 41 14.45 -7.40 -34.90
CA ILE A 41 14.87 -7.21 -33.52
C ILE A 41 15.35 -8.54 -32.93
N TYR A 42 14.55 -9.59 -33.10
CA TYR A 42 14.91 -10.91 -32.57
C TYR A 42 16.25 -11.38 -33.12
N ASP A 43 16.53 -11.14 -34.41
CA ASP A 43 17.78 -11.61 -34.99
C ASP A 43 19.01 -11.07 -34.26
N THR A 44 18.91 -9.91 -33.61
CA THR A 44 20.08 -9.33 -32.94
C THR A 44 20.50 -10.10 -31.70
N PHE A 45 19.65 -10.96 -31.15
CA PHE A 45 20.01 -11.77 -30.00
C PHE A 45 19.59 -13.23 -30.13
N ARG A 46 19.21 -13.68 -31.33
CA ARG A 46 18.69 -15.03 -31.50
C ARG A 46 19.72 -16.09 -31.10
N THR A 47 21.01 -15.77 -31.19
CA THR A 47 22.05 -16.74 -30.87
C THR A 47 22.48 -16.68 -29.40
N ALA A 48 21.91 -15.79 -28.61
CA ALA A 48 22.24 -15.74 -27.20
C ALA A 48 21.46 -16.80 -26.43
N ARG A 49 22.12 -17.47 -25.50
CA ARG A 49 21.57 -18.65 -24.85
C ARG A 49 21.11 -18.35 -23.43
N LEU A 50 20.01 -18.99 -23.03
CA LEU A 50 19.40 -18.74 -21.73
C LEU A 50 20.30 -19.17 -20.57
N ASP A 51 21.18 -20.14 -20.79
CA ASP A 51 22.11 -20.60 -19.76
C ASP A 51 23.45 -19.88 -19.79
N ASP A 52 23.63 -18.91 -20.69
CA ASP A 52 24.87 -18.15 -20.80
C ASP A 52 24.77 -16.94 -19.86
N GLU A 53 25.59 -16.94 -18.82
CA GLU A 53 25.49 -15.93 -17.76
C GLU A 53 25.83 -14.53 -18.27
N VAL A 54 26.82 -14.42 -19.14
CA VAL A 54 27.16 -13.12 -19.71
C VAL A 54 26.02 -12.62 -20.59
N ALA A 55 25.43 -13.51 -21.39
CA ALA A 55 24.34 -13.11 -22.28
C ALA A 55 23.12 -12.65 -21.49
N LEU A 56 22.82 -13.35 -20.38
CA LEU A 56 21.68 -12.97 -19.55
C LEU A 56 21.84 -11.57 -18.98
N LYS A 57 23.06 -11.22 -18.57
CA LYS A 57 23.30 -9.96 -17.89
C LYS A 57 23.60 -8.81 -18.84
N ARG A 58 23.88 -9.09 -20.12
CA ARG A 58 24.36 -8.06 -21.03
C ARG A 58 23.61 -8.01 -22.37
N ASP A 59 23.14 -9.15 -22.87
CA ASP A 59 22.60 -9.20 -24.23
C ASP A 59 21.10 -9.44 -24.32
N LEU A 60 20.47 -10.03 -23.31
CA LEU A 60 19.07 -10.39 -23.44
C LEU A 60 18.20 -9.35 -22.74
N SER A 61 16.95 -9.26 -23.19
CA SER A 61 16.03 -8.24 -22.69
C SER A 61 15.76 -8.45 -21.21
N ALA A 62 15.31 -7.37 -20.55
CA ALA A 62 14.95 -7.45 -19.14
C ALA A 62 13.84 -8.47 -18.89
N GLU A 63 12.89 -8.60 -19.82
CA GLU A 63 11.87 -9.63 -19.68
C GLU A 63 12.49 -11.02 -19.70
N ILE A 64 13.39 -11.27 -20.66
CA ILE A 64 13.97 -12.61 -20.76
C ILE A 64 14.87 -12.90 -19.56
N HIS A 65 15.69 -11.92 -19.18
CA HIS A 65 16.58 -12.09 -18.04
C HIS A 65 15.79 -12.44 -16.77
N SER A 66 14.73 -11.68 -16.50
CA SER A 66 13.94 -11.93 -15.30
C SER A 66 13.24 -13.29 -15.37
N LEU A 67 12.67 -13.63 -16.53
CA LEU A 67 12.00 -14.93 -16.67
C LEU A 67 12.98 -16.08 -16.52
N ALA A 68 14.21 -15.91 -17.05
CA ALA A 68 15.22 -16.94 -16.87
C ALA A 68 15.53 -17.15 -15.39
N ARG A 69 15.66 -16.06 -14.64
CA ARG A 69 15.98 -16.20 -13.22
C ARG A 69 14.81 -16.80 -12.45
N MET A 70 13.58 -16.63 -12.96
CA MET A 70 12.43 -17.26 -12.34
C MET A 70 12.29 -18.73 -12.71
N GLY A 71 13.12 -19.24 -13.61
CA GLY A 71 13.00 -20.62 -14.03
C GLY A 71 11.86 -20.90 -14.98
N VAL A 72 11.60 -20.00 -15.93
CA VAL A 72 10.55 -20.20 -16.91
C VAL A 72 10.79 -21.51 -17.66
N ASN A 73 9.70 -22.25 -17.91
CA ASN A 73 9.82 -23.57 -18.56
C ASN A 73 8.66 -23.78 -19.52
N ASP A 74 8.69 -24.90 -20.24
CA ASP A 74 7.74 -25.11 -21.33
C ASP A 74 6.32 -25.43 -20.86
N LYS A 75 6.09 -25.55 -19.56
CA LYS A 75 4.75 -25.74 -19.04
C LYS A 75 4.13 -24.44 -18.53
N ASP A 76 4.84 -23.32 -18.65
CA ASP A 76 4.38 -22.05 -18.11
C ASP A 76 3.60 -21.26 -19.15
N THR A 77 2.93 -20.21 -18.67
CA THR A 77 2.29 -19.21 -19.51
C THR A 77 2.95 -17.87 -19.25
N VAL A 78 3.28 -17.14 -20.31
CA VAL A 78 3.88 -15.82 -20.18
C VAL A 78 2.93 -14.83 -20.85
N VAL A 79 2.43 -13.86 -20.09
CA VAL A 79 1.60 -12.79 -20.64
C VAL A 79 2.45 -11.53 -20.73
N LEU A 80 2.67 -11.05 -21.94
CA LEU A 80 3.51 -9.87 -22.16
C LEU A 80 2.60 -8.65 -22.33
N PHE A 81 2.54 -7.81 -21.30
CA PHE A 81 1.73 -6.59 -21.37
C PHE A 81 2.54 -5.53 -22.09
N SER A 82 2.09 -5.15 -23.28
CA SER A 82 2.85 -4.28 -24.16
C SER A 82 2.21 -2.91 -24.26
N SER A 83 3.04 -1.88 -24.41
CA SER A 83 2.59 -0.59 -24.89
C SER A 83 1.88 -0.75 -26.23
N GLU A 84 0.97 0.19 -26.52
CA GLU A 84 0.24 0.16 -27.78
C GLU A 84 1.09 0.58 -28.97
N THR A 85 2.23 1.21 -28.73
CA THR A 85 3.09 1.72 -29.79
C THR A 85 3.68 0.57 -30.60
N ALA A 86 3.95 0.86 -31.89
CA ALA A 86 4.50 -0.16 -32.78
C ALA A 86 5.85 -0.67 -32.27
N ASP A 87 6.70 0.20 -31.74
CA ASP A 87 8.00 -0.27 -31.26
C ASP A 87 7.87 -1.11 -30.00
N GLY A 88 6.95 -0.74 -29.11
CA GLY A 88 6.71 -1.57 -27.95
C GLY A 88 6.22 -2.96 -28.35
N GLN A 89 5.27 -3.02 -29.29
CA GLN A 89 4.74 -4.31 -29.71
C GLN A 89 5.80 -5.14 -30.42
N ALA A 90 6.60 -4.50 -31.28
CA ALA A 90 7.62 -5.25 -31.99
C ALA A 90 8.60 -5.88 -31.02
N CYS A 91 8.90 -5.19 -29.91
CA CYS A 91 9.78 -5.78 -28.91
C CYS A 91 9.11 -6.97 -28.22
N ALA A 92 7.85 -6.81 -27.83
CA ALA A 92 7.14 -7.92 -27.20
C ALA A 92 7.09 -9.14 -28.10
N TRP A 93 6.81 -8.94 -29.39
CA TRP A 93 6.82 -10.07 -30.31
C TRP A 93 8.21 -10.68 -30.44
N ALA A 94 9.27 -9.85 -30.39
CA ALA A 94 10.63 -10.39 -30.42
C ALA A 94 10.90 -11.27 -29.20
N VAL A 95 10.43 -10.83 -28.02
CA VAL A 95 10.58 -11.67 -26.83
C VAL A 95 9.78 -12.95 -26.97
N LYS A 96 8.55 -12.87 -27.52
CA LYS A 96 7.77 -14.08 -27.77
C LYS A 96 8.50 -15.04 -28.69
N ARG A 97 9.04 -14.52 -29.81
CA ARG A 97 9.81 -15.35 -30.74
C ARG A 97 10.91 -16.10 -30.02
N TYR A 98 11.59 -15.42 -29.10
CA TYR A 98 12.73 -16.01 -28.42
C TYR A 98 12.29 -17.06 -27.43
N LEU A 99 11.29 -16.74 -26.61
CA LEU A 99 10.83 -17.70 -25.60
C LEU A 99 10.33 -18.98 -26.26
N GLU A 100 9.66 -18.84 -27.41
CA GLU A 100 9.11 -20.01 -28.09
C GLU A 100 10.21 -20.87 -28.71
N GLN A 101 11.34 -20.28 -29.09
CA GLN A 101 12.47 -21.09 -29.53
C GLN A 101 13.25 -21.68 -28.36
N ALA A 102 13.32 -20.95 -27.24
CA ALA A 102 14.10 -21.40 -26.08
C ALA A 102 13.37 -22.46 -25.28
N ARG A 103 12.04 -22.43 -25.27
CA ARG A 103 11.20 -23.34 -24.48
C ARG A 103 10.03 -23.78 -25.34
N PRO A 104 10.28 -24.61 -26.35
CA PRO A 104 9.19 -25.03 -27.24
C PRO A 104 8.03 -25.65 -26.48
N GLY A 105 6.83 -25.17 -26.75
CA GLY A 105 5.65 -25.56 -26.01
C GLY A 105 5.17 -24.56 -24.98
N ILE A 106 5.99 -23.55 -24.68
CA ILE A 106 5.56 -22.46 -23.81
C ILE A 106 4.40 -21.72 -24.46
N LEU A 107 3.47 -21.26 -23.63
CA LEU A 107 2.33 -20.47 -24.08
C LEU A 107 2.63 -19.01 -23.80
N CYS A 108 2.82 -18.24 -24.86
CA CYS A 108 3.17 -16.84 -24.74
C CYS A 108 2.19 -16.00 -25.53
N ARG A 109 1.55 -15.03 -24.86
N ARG A 109 1.59 -15.01 -24.87
CA ARG A 109 0.58 -14.15 -25.50
CA ARG A 109 0.60 -14.14 -25.48
C ARG A 109 0.95 -12.70 -25.21
C ARG A 109 0.99 -12.70 -25.22
N ILE A 110 0.69 -11.84 -26.19
CA ILE A 110 0.99 -10.42 -26.09
C ILE A 110 -0.31 -9.66 -25.88
N GLU A 111 -0.41 -9.00 -24.73
CA GLU A 111 -1.56 -8.19 -24.37
C GLU A 111 -1.24 -6.73 -24.62
N VAL A 112 -1.82 -6.16 -25.68
CA VAL A 112 -1.59 -4.77 -26.03
C VAL A 112 -2.52 -3.90 -25.20
N VAL A 113 -1.93 -3.01 -24.40
CA VAL A 113 -2.70 -2.21 -23.44
C VAL A 113 -2.96 -0.85 -24.07
N ALA A 114 -4.22 -0.60 -24.45
CA ALA A 114 -4.59 0.69 -25.01
C ALA A 114 -4.26 1.82 -24.05
N GLY A 115 -3.66 2.88 -24.58
CA GLY A 115 -3.29 4.03 -23.77
C GLY A 115 -1.94 3.91 -23.08
N LEU A 116 -1.34 2.74 -23.08
CA LEU A 116 -0.02 2.57 -22.50
C LEU A 116 1.03 2.95 -23.54
N GLN A 117 1.81 3.99 -23.24
CA GLN A 117 2.82 4.52 -24.15
C GLN A 117 3.68 5.48 -23.33
N VAL A 118 4.74 6.01 -23.96
CA VAL A 118 5.77 6.67 -23.16
C VAL A 118 5.79 8.18 -23.33
N THR A 119 4.87 8.76 -24.08
CA THR A 119 4.97 10.18 -24.40
C THR A 119 3.81 11.05 -23.93
N ASP A 120 2.62 10.48 -23.66
CA ASP A 120 1.44 11.26 -23.34
C ASP A 120 1.01 10.89 -21.92
N ALA A 121 1.31 11.76 -20.96
CA ALA A 121 1.02 11.46 -19.57
C ALA A 121 -0.46 11.49 -19.29
N HIS A 122 -1.21 12.30 -20.03
CA HIS A 122 -2.65 12.37 -19.78
C HIS A 122 -3.34 11.07 -20.20
N VAL A 123 -3.01 10.56 -21.39
CA VAL A 123 -3.59 9.30 -21.83
C VAL A 123 -3.14 8.16 -20.91
N PHE A 124 -1.89 8.18 -20.45
CA PHE A 124 -1.44 7.16 -19.52
C PHE A 124 -2.27 7.16 -18.25
N ARG A 125 -2.38 8.33 -17.61
CA ARG A 125 -2.95 8.39 -16.27
C ARG A 125 -4.47 8.22 -16.28
N THR A 126 -5.11 8.33 -17.44
CA THR A 126 -6.52 8.03 -17.54
C THR A 126 -6.64 6.59 -18.06
N ALA A 127 -6.50 6.40 -19.37
CA ALA A 127 -6.82 5.11 -19.96
C ALA A 127 -5.73 4.06 -19.72
N GLY A 128 -4.46 4.42 -19.89
CA GLY A 128 -3.40 3.41 -19.84
C GLY A 128 -3.36 2.63 -18.53
N VAL A 129 -3.37 3.35 -17.40
CA VAL A 129 -3.21 2.65 -16.12
C VAL A 129 -4.46 1.86 -15.77
N LEU A 130 -5.64 2.37 -16.14
CA LEU A 130 -6.89 1.63 -15.90
C LEU A 130 -6.94 0.37 -16.76
N ASN A 131 -6.60 0.50 -18.05
CA ASN A 131 -6.61 -0.67 -18.92
C ASN A 131 -5.63 -1.72 -18.43
N PHE A 132 -4.43 -1.28 -18.04
CA PHE A 132 -3.45 -2.20 -17.47
C PHE A 132 -4.00 -2.88 -16.21
N THR A 133 -4.52 -2.08 -15.27
CA THR A 133 -5.02 -2.64 -14.02
C THR A 133 -6.12 -3.67 -14.28
N LYS A 134 -7.06 -3.34 -15.16
N LYS A 134 -7.06 -3.35 -15.17
CA LYS A 134 -8.17 -4.26 -15.43
CA LYS A 134 -8.16 -4.26 -15.42
C LYS A 134 -7.71 -5.51 -16.15
C LYS A 134 -7.70 -5.52 -16.16
N ALA A 135 -6.74 -5.38 -17.08
CA ALA A 135 -6.22 -6.55 -17.78
C ALA A 135 -5.45 -7.47 -16.85
N VAL A 136 -4.65 -6.91 -15.94
CA VAL A 136 -3.93 -7.74 -14.98
C VAL A 136 -4.90 -8.42 -14.02
N LEU A 137 -5.86 -7.66 -13.50
N LEU A 137 -5.89 -7.66 -13.53
CA LEU A 137 -6.84 -8.24 -12.59
CA LEU A 137 -6.85 -8.23 -12.58
C LEU A 137 -7.62 -9.36 -13.27
C LEU A 137 -7.69 -9.32 -13.24
N HIS A 138 -8.02 -9.14 -14.52
CA HIS A 138 -8.78 -10.16 -15.24
C HIS A 138 -7.98 -11.45 -15.38
N GLU A 139 -6.68 -11.34 -15.70
CA GLU A 139 -5.85 -12.53 -15.81
C GLU A 139 -5.67 -13.22 -14.47
N ILE A 140 -5.49 -12.45 -13.40
CA ILE A 140 -5.41 -13.05 -12.07
C ILE A 140 -6.68 -13.83 -11.77
N ASP A 141 -7.83 -13.23 -12.08
CA ASP A 141 -9.11 -13.89 -11.77
C ASP A 141 -9.46 -14.99 -12.75
N ALA A 142 -8.81 -15.04 -13.91
CA ALA A 142 -9.08 -16.10 -14.88
C ALA A 142 -8.25 -17.34 -14.65
N ASN A 143 -7.20 -17.27 -13.84
CA ASN A 143 -6.38 -18.42 -13.49
C ASN A 143 -6.69 -18.87 -12.07
N GLY A 144 -6.21 -20.07 -11.73
CA GLY A 144 -6.44 -20.63 -10.41
C GLY A 144 -5.69 -19.85 -9.34
N THR A 145 -6.07 -20.11 -8.10
CA THR A 145 -5.42 -19.46 -6.97
C THR A 145 -3.96 -19.92 -6.85
N GLY A 146 -3.07 -18.96 -6.60
CA GLY A 146 -1.66 -19.26 -6.41
C GLY A 146 -0.87 -19.54 -7.67
N GLN A 147 -1.43 -19.23 -8.85
CA GLN A 147 -0.75 -19.53 -10.10
C GLN A 147 -0.02 -18.34 -10.70
N CYS A 148 -0.39 -17.11 -10.36
CA CYS A 148 0.18 -15.96 -11.05
C CYS A 148 1.38 -15.41 -10.29
N VAL A 149 2.32 -14.87 -11.06
CA VAL A 149 3.48 -14.16 -10.54
C VAL A 149 3.60 -12.86 -11.34
N LEU A 150 3.62 -11.72 -10.64
CA LEU A 150 3.74 -10.43 -11.31
C LEU A 150 5.22 -10.16 -11.55
N ASN A 151 5.56 -9.76 -12.78
CA ASN A 151 6.95 -9.50 -13.16
C ASN A 151 7.06 -8.11 -13.78
N PRO A 152 7.32 -7.08 -12.98
CA PRO A 152 7.40 -5.72 -13.51
C PRO A 152 8.75 -5.31 -14.07
N THR A 153 9.68 -6.26 -14.26
CA THR A 153 11.06 -5.90 -14.59
C THR A 153 11.15 -5.08 -15.88
N GLY A 154 10.41 -5.50 -16.91
CA GLY A 154 10.79 -5.17 -18.27
C GLY A 154 10.58 -3.72 -18.64
N GLY A 155 9.53 -3.10 -18.12
CA GLY A 155 9.41 -1.70 -18.48
C GLY A 155 8.73 -0.86 -17.43
N PHE A 156 8.35 0.36 -17.84
CA PHE A 156 7.44 1.25 -17.14
C PHE A 156 7.67 1.31 -15.64
N LYS A 157 8.66 2.08 -15.22
N LYS A 157 8.67 2.07 -15.23
CA LYS A 157 8.77 2.43 -13.80
CA LYS A 157 8.81 2.49 -13.84
C LYS A 157 7.46 3.00 -13.27
C LYS A 157 7.46 2.98 -13.29
N SER A 158 6.71 3.72 -14.11
CA SER A 158 5.43 4.29 -13.70
C SER A 158 4.34 3.25 -13.43
N LEU A 159 4.50 2.01 -13.87
CA LEU A 159 3.49 1.01 -13.57
C LEU A 159 3.79 0.21 -12.31
N VAL A 160 5.04 0.29 -11.79
CA VAL A 160 5.37 -0.44 -10.56
C VAL A 160 4.35 -0.20 -9.47
N PRO A 161 3.93 1.03 -9.15
CA PRO A 161 2.99 1.22 -8.03
C PRO A 161 1.67 0.50 -8.22
N TYR A 162 1.21 0.33 -9.47
CA TYR A 162 -0.06 -0.38 -9.68
C TYR A 162 0.12 -1.88 -9.51
N THR A 163 1.26 -2.41 -9.96
CA THR A 163 1.60 -3.80 -9.67
C THR A 163 1.65 -4.06 -8.17
N VAL A 164 2.20 -3.11 -7.40
CA VAL A 164 2.28 -3.28 -5.94
C VAL A 164 0.88 -3.37 -5.34
N LEU A 165 0.00 -2.45 -5.72
CA LEU A 165 -1.35 -2.46 -5.19
C LEU A 165 -2.14 -3.71 -5.60
N ILE A 166 -2.00 -4.12 -6.87
CA ILE A 166 -2.69 -5.32 -7.32
C ILE A 166 -2.16 -6.54 -6.56
N GLY A 167 -0.84 -6.64 -6.43
CA GLY A 167 -0.25 -7.73 -5.68
C GLY A 167 -0.70 -7.76 -4.23
N MET A 168 -0.73 -6.59 -3.60
N MET A 168 -0.75 -6.59 -3.59
CA MET A 168 -1.24 -6.48 -2.23
CA MET A 168 -1.24 -6.49 -2.21
C MET A 168 -2.68 -6.97 -2.13
C MET A 168 -2.69 -6.92 -2.09
N LEU A 169 -3.55 -6.47 -3.00
CA LEU A 169 -4.98 -6.69 -2.83
C LEU A 169 -5.39 -8.11 -3.18
N ARG A 170 -4.75 -8.72 -4.17
CA ARG A 170 -5.08 -10.09 -4.59
C ARG A 170 -4.13 -11.12 -3.98
N GLY A 171 -3.13 -10.68 -3.22
CA GLY A 171 -2.17 -11.60 -2.64
C GLY A 171 -1.39 -12.40 -3.68
N VAL A 172 -0.89 -11.71 -4.70
CA VAL A 172 -0.12 -12.31 -5.78
C VAL A 172 1.32 -11.84 -5.64
N PRO A 173 2.31 -12.75 -5.64
CA PRO A 173 3.69 -12.31 -5.50
C PRO A 173 4.16 -11.54 -6.72
N ALA A 174 5.09 -10.62 -6.46
CA ALA A 174 5.72 -9.84 -7.51
C ALA A 174 7.22 -9.83 -7.27
N LYS A 175 7.98 -10.16 -8.31
N LYS A 175 7.99 -10.11 -8.32
CA LYS A 175 9.43 -10.22 -8.26
CA LYS A 175 9.44 -10.13 -8.21
C LYS A 175 10.00 -9.53 -9.48
C LYS A 175 10.04 -9.53 -9.48
N TYR A 176 11.24 -9.08 -9.35
N TYR A 176 11.17 -8.85 -9.33
CA TYR A 176 11.91 -8.32 -10.40
CA TYR A 176 11.88 -8.36 -10.51
C TYR A 176 13.41 -8.49 -10.26
C TYR A 176 13.38 -8.33 -10.26
N ILE A 177 14.13 -8.21 -11.35
N ILE A 177 14.13 -8.27 -11.36
CA ILE A 177 15.59 -8.19 -11.31
CA ILE A 177 15.59 -8.21 -11.29
C ILE A 177 16.04 -6.87 -10.71
C ILE A 177 16.00 -6.88 -10.68
N PHE A 178 16.83 -6.94 -9.64
CA PHE A 178 17.28 -5.74 -8.95
C PHE A 178 18.37 -5.02 -9.74
N GLU A 179 18.08 -3.78 -10.17
CA GLU A 179 18.98 -2.86 -10.86
C GLU A 179 19.92 -3.59 -11.80
N GLN A 180 21.23 -3.45 -11.57
CA GLN A 180 22.24 -4.02 -12.44
C GLN A 180 22.75 -5.35 -11.94
N SER A 181 22.02 -5.98 -11.02
CA SER A 181 22.41 -7.29 -10.52
C SER A 181 21.79 -8.36 -11.42
N SER A 182 21.98 -9.61 -11.03
CA SER A 182 21.32 -10.72 -11.72
C SER A 182 20.40 -11.47 -10.78
N ALA A 183 19.90 -10.79 -9.75
CA ALA A 183 19.18 -11.44 -8.66
C ALA A 183 17.76 -10.89 -8.56
N LEU A 184 16.82 -11.79 -8.26
CA LEU A 184 15.43 -11.40 -8.07
C LEU A 184 15.21 -10.88 -6.67
N ILE A 185 14.32 -9.90 -6.54
N ILE A 185 14.34 -9.87 -6.55
CA ILE A 185 13.90 -9.41 -5.23
CA ILE A 185 13.90 -9.31 -5.28
C ILE A 185 12.39 -9.18 -5.28
C ILE A 185 12.37 -9.21 -5.30
N PRO A 186 11.68 -9.49 -4.21
CA PRO A 186 10.23 -9.26 -4.19
C PRO A 186 9.90 -7.79 -4.02
N LEU A 187 8.80 -7.38 -4.65
N LEU A 187 8.80 -7.39 -4.63
CA LEU A 187 8.24 -6.08 -4.33
CA LEU A 187 8.26 -6.08 -4.33
C LEU A 187 7.78 -6.08 -2.88
C LEU A 187 7.73 -6.06 -2.90
N PRO A 188 7.87 -4.96 -2.19
CA PRO A 188 7.39 -4.91 -0.81
C PRO A 188 5.87 -4.96 -0.79
N MET A 189 5.34 -5.62 0.25
CA MET A 189 3.90 -5.76 0.46
C MET A 189 3.62 -5.36 1.90
N MET A 190 2.90 -4.26 2.09
CA MET A 190 2.54 -3.82 3.43
C MET A 190 1.18 -4.41 3.79
N PRO A 191 1.07 -5.20 4.86
CA PRO A 191 -0.26 -5.65 5.32
C PRO A 191 -1.08 -4.45 5.79
N VAL A 192 -2.23 -4.25 5.16
CA VAL A 192 -3.11 -3.13 5.47
C VAL A 192 -4.53 -3.65 5.64
N GLU A 193 -5.35 -2.81 6.25
CA GLU A 193 -6.78 -3.03 6.38
C GLU A 193 -7.50 -2.05 5.47
N PHE A 194 -8.48 -2.55 4.72
CA PHE A 194 -9.41 -1.68 4.01
C PHE A 194 -10.04 -0.69 4.99
N ALA A 195 -10.05 0.59 4.61
CA ALA A 195 -10.75 1.60 5.41
C ALA A 195 -12.25 1.55 5.12
N ARG A 196 -12.85 0.40 5.45
N ARG A 196 -12.86 0.40 5.45
CA ARG A 196 -14.21 0.11 4.99
CA ARG A 196 -14.20 0.12 4.98
C ARG A 196 -15.23 1.07 5.60
C ARG A 196 -15.23 1.07 5.60
N SER A 197 -15.04 1.44 6.86
CA SER A 197 -15.97 2.37 7.49
C SER A 197 -15.89 3.76 6.87
N ARG A 198 -14.68 4.18 6.50
CA ARG A 198 -14.50 5.49 5.88
C ARG A 198 -14.86 5.48 4.40
N LEU A 199 -14.79 4.33 3.75
CA LEU A 199 -15.08 4.23 2.32
C LEU A 199 -16.51 3.80 2.01
N GLU A 200 -17.15 3.02 2.89
CA GLU A 200 -18.53 2.60 2.64
C GLU A 200 -19.48 3.75 2.35
N PRO A 201 -19.42 4.90 3.02
CA PRO A 201 -20.32 6.00 2.65
C PRO A 201 -20.22 6.39 1.19
N LEU A 202 -19.13 6.04 0.52
CA LEU A 202 -18.95 6.38 -0.88
C LEU A 202 -19.51 5.33 -1.84
N ARG A 203 -20.07 4.23 -1.35
CA ARG A 203 -20.55 3.18 -2.25
C ARG A 203 -21.49 3.69 -3.33
N PRO A 204 -22.53 4.48 -3.01
CA PRO A 204 -23.42 4.94 -4.09
C PRO A 204 -22.75 5.94 -5.03
N LEU A 205 -21.80 6.74 -4.53
CA LEU A 205 -21.05 7.64 -5.41
C LEU A 205 -20.20 6.85 -6.40
N LEU A 206 -19.51 5.82 -5.94
CA LEU A 206 -18.63 5.11 -6.86
C LEU A 206 -19.46 4.33 -7.87
N GLU A 207 -20.59 3.78 -7.45
CA GLU A 207 -21.47 3.08 -8.37
C GLU A 207 -22.03 4.03 -9.41
N ARG A 208 -22.43 5.23 -8.99
CA ARG A 208 -22.89 6.24 -9.93
C ARG A 208 -21.81 6.60 -10.95
N ILE A 209 -20.57 6.79 -10.49
CA ILE A 209 -19.51 7.14 -11.41
C ILE A 209 -19.27 6.01 -12.40
N GLN A 210 -19.34 4.76 -11.94
CA GLN A 210 -19.15 3.64 -12.87
C GLN A 210 -20.28 3.49 -13.88
N ASN A 211 -21.46 4.03 -13.59
CA ASN A 211 -22.60 3.93 -14.52
C ASN A 211 -22.62 5.04 -15.55
N GLU A 212 -21.73 6.03 -15.44
CA GLU A 212 -21.62 7.13 -16.41
C GLU A 212 -20.19 7.23 -16.92
N THR A 213 -20.02 7.89 -18.07
CA THR A 213 -18.67 8.02 -18.61
C THR A 213 -17.78 8.81 -17.65
N ALA A 214 -18.36 9.76 -16.95
CA ALA A 214 -17.71 10.55 -15.89
C ALA A 214 -18.81 11.36 -15.24
N ILE A 215 -18.51 11.98 -14.10
CA ILE A 215 -19.47 12.91 -13.50
C ILE A 215 -18.83 14.29 -13.36
N PRO A 216 -19.61 15.36 -13.35
CA PRO A 216 -19.03 16.70 -13.20
C PRO A 216 -18.43 16.88 -11.83
N ARG A 217 -17.35 17.66 -11.77
CA ARG A 217 -16.68 17.94 -10.50
C ARG A 217 -17.65 18.56 -9.48
N ALA A 218 -18.58 19.39 -9.96
CA ALA A 218 -19.56 20.00 -9.06
C ALA A 218 -20.39 18.92 -8.36
N GLU A 219 -20.75 17.85 -9.07
CA GLU A 219 -21.53 16.80 -8.44
C GLU A 219 -20.66 15.96 -7.49
N LEU A 220 -19.42 15.68 -7.88
CA LEU A 220 -18.50 15.04 -6.95
C LEU A 220 -18.40 15.84 -5.64
N ASP A 221 -18.25 17.16 -5.75
CA ASP A 221 -18.07 17.98 -4.55
C ASP A 221 -19.31 17.97 -3.66
N LYS A 222 -20.50 17.85 -4.25
CA LYS A 222 -21.71 17.78 -3.44
C LYS A 222 -21.77 16.46 -2.67
N ALA A 223 -21.29 15.38 -3.28
CA ALA A 223 -21.35 14.06 -2.66
C ALA A 223 -20.26 13.86 -1.62
N LEU A 224 -19.16 14.60 -1.71
CA LEU A 224 -18.00 14.40 -0.86
C LEU A 224 -18.00 15.38 0.30
N PRO A 225 -17.28 15.06 1.39
CA PRO A 225 -17.18 15.99 2.52
C PRO A 225 -16.39 17.25 2.18
N SER A 226 -16.12 18.06 3.19
CA SER A 226 -15.44 19.34 2.97
C SER A 226 -14.13 19.14 2.25
N PHE A 227 -13.85 20.05 1.30
CA PHE A 227 -12.67 19.94 0.45
C PHE A 227 -11.39 19.80 1.28
N GLU A 228 -11.25 20.58 2.34
CA GLU A 228 -10.05 20.55 3.17
C GLU A 228 -9.98 19.31 4.06
N GLU A 229 -10.98 18.43 4.03
CA GLU A 229 -10.98 17.17 4.79
C GLU A 229 -11.30 16.03 3.83
N ARG A 230 -10.34 15.67 2.99
CA ARG A 230 -10.51 14.59 2.02
C ARG A 230 -9.31 13.65 1.96
N LEU A 233 -8.93 11.16 0.01
CA LEU A 233 -9.92 10.52 -0.87
C LEU A 233 -9.73 10.91 -2.32
N ASP A 234 -8.91 11.94 -2.55
CA ASP A 234 -8.72 12.45 -3.90
C ASP A 234 -8.07 11.41 -4.80
N SER A 235 -7.33 10.46 -4.23
CA SER A 235 -6.67 9.45 -5.02
C SER A 235 -7.63 8.45 -5.67
N LEU A 236 -8.90 8.42 -5.25
CA LEU A 236 -9.85 7.52 -5.89
C LEU A 236 -10.29 8.03 -7.25
N PHE A 237 -10.03 9.29 -7.56
CA PHE A 237 -10.66 9.95 -8.69
C PHE A 237 -9.61 10.49 -9.64
N GLU A 238 -9.94 10.55 -10.93
CA GLU A 238 -9.05 11.08 -11.95
C GLU A 238 -9.80 12.07 -12.83
N ASP A 239 -9.21 13.24 -13.03
CA ASP A 239 -9.83 14.22 -13.94
C ASP A 239 -9.69 13.72 -15.36
N VAL A 240 -10.78 13.74 -16.11
CA VAL A 240 -10.73 13.26 -17.48
C VAL A 240 -11.03 14.37 -18.48
N GLY A 241 -10.87 15.61 -18.04
CA GLY A 241 -10.99 16.78 -18.88
C GLY A 241 -12.37 17.38 -18.86
N GLN A 242 -12.44 18.67 -19.20
CA GLN A 242 -13.71 19.38 -19.31
C GLN A 242 -14.49 19.33 -18.00
N GLY A 243 -13.76 19.35 -16.88
CA GLY A 243 -14.42 19.42 -15.58
C GLY A 243 -15.09 18.14 -15.12
N GLN A 244 -14.73 17.00 -15.70
CA GLN A 244 -15.35 15.71 -15.40
C GLN A 244 -14.36 14.78 -14.73
N VAL A 245 -14.89 13.89 -13.89
CA VAL A 245 -14.07 13.00 -13.07
C VAL A 245 -14.57 11.57 -13.21
N SER A 246 -13.64 10.63 -13.33
CA SER A 246 -13.93 9.20 -13.30
C SER A 246 -13.13 8.54 -12.19
N LEU A 247 -13.29 7.22 -12.06
CA LEU A 247 -12.45 6.50 -11.10
C LEU A 247 -11.04 6.33 -11.65
N SER A 248 -10.07 6.50 -10.77
CA SER A 248 -8.68 6.10 -11.00
C SER A 248 -8.56 4.60 -10.78
N PRO A 249 -7.38 4.00 -11.03
CA PRO A 249 -7.23 2.59 -10.68
C PRO A 249 -7.46 2.32 -9.19
N VAL A 250 -7.00 3.21 -8.31
CA VAL A 250 -7.27 3.07 -6.88
C VAL A 250 -8.78 3.08 -6.62
N GLY A 251 -9.50 4.00 -7.26
CA GLY A 251 -10.95 4.01 -7.11
C GLY A 251 -11.61 2.78 -7.69
N PHE A 252 -11.12 2.28 -8.83
CA PHE A 252 -11.64 1.04 -9.38
C PHE A 252 -11.43 -0.11 -8.41
N LEU A 253 -10.22 -0.25 -7.83
CA LEU A 253 -9.99 -1.39 -6.95
C LEU A 253 -10.90 -1.31 -5.72
N ILE A 254 -11.12 -0.11 -5.20
CA ILE A 254 -11.99 0.03 -4.03
C ILE A 254 -13.43 -0.27 -4.41
N TRP A 255 -13.89 0.26 -5.54
CA TRP A 255 -15.24 -0.03 -6.02
C TRP A 255 -15.46 -1.53 -6.20
N GLU A 256 -14.52 -2.21 -6.86
CA GLU A 256 -14.62 -3.66 -7.06
C GLU A 256 -14.76 -4.40 -5.74
N GLU A 257 -13.95 -4.02 -4.75
CA GLU A 257 -14.03 -4.69 -3.47
C GLU A 257 -15.34 -4.42 -2.75
N LEU A 258 -15.86 -3.18 -2.84
CA LEU A 258 -17.17 -2.92 -2.24
C LEU A 258 -18.29 -3.73 -2.90
N GLU A 259 -18.22 -3.93 -4.23
CA GLU A 259 -19.30 -4.63 -4.92
C GLU A 259 -19.19 -6.15 -4.80
N ARG A 260 -17.98 -6.68 -4.75
CA ARG A 260 -17.73 -8.12 -4.63
C ARG A 260 -16.66 -8.32 -3.57
N PRO A 261 -17.06 -8.29 -2.30
CA PRO A 261 -16.07 -8.45 -1.22
C PRO A 261 -15.34 -9.78 -1.32
N THR A 262 -14.05 -9.75 -1.02
CA THR A 262 -13.26 -10.97 -1.00
C THR A 262 -12.95 -11.43 0.42
N ALA A 263 -13.30 -10.62 1.42
CA ALA A 263 -13.34 -11.06 2.81
C ALA A 263 -14.45 -10.29 3.51
N LEU A 264 -15.06 -10.92 4.51
CA LEU A 264 -16.07 -10.30 5.34
C LEU A 264 -15.47 -9.94 6.69
N VAL A 265 -16.08 -8.96 7.35
CA VAL A 265 -15.75 -8.57 8.72
C VAL A 265 -16.92 -8.97 9.61
N PRO A 266 -16.70 -9.80 10.63
CA PRO A 266 -17.80 -10.20 11.50
C PRO A 266 -18.16 -9.12 12.50
N PHE A 267 -19.47 -8.89 12.64
CA PHE A 267 -20.05 -8.02 13.65
C PHE A 267 -20.95 -8.86 14.55
N LEU A 268 -21.01 -8.51 15.82
CA LEU A 268 -21.89 -9.15 16.79
C LEU A 268 -23.02 -8.21 17.15
N SER A 269 -24.25 -8.70 17.07
CA SER A 269 -25.37 -7.96 17.61
C SER A 269 -25.23 -7.81 19.13
N ARG A 270 -26.05 -6.94 19.69
CA ARG A 270 -26.04 -6.75 21.14
C ARG A 270 -26.29 -8.06 21.86
N ARG A 271 -27.25 -8.86 21.36
CA ARG A 271 -27.54 -10.15 21.99
C ARG A 271 -26.41 -11.15 21.75
N ALA A 272 -25.80 -11.11 20.56
CA ALA A 272 -24.76 -12.09 20.26
C ALA A 272 -23.51 -11.90 21.11
N LEU A 273 -23.16 -10.66 21.47
CA LEU A 273 -21.99 -10.46 22.32
C LEU A 273 -22.28 -10.97 23.73
N ASP A 274 -23.49 -10.75 24.23
CA ASP A 274 -23.92 -11.41 25.46
C ASP A 274 -23.78 -12.92 25.36
N ASP A 275 -24.27 -13.49 24.26
CA ASP A 275 -24.17 -14.93 24.04
C ASP A 275 -22.72 -15.41 24.12
N LEU A 276 -21.84 -14.72 23.39
CA LEU A 276 -20.45 -15.14 23.31
C LEU A 276 -19.78 -15.11 24.68
N LEU A 277 -20.11 -14.11 25.49
CA LEU A 277 -19.43 -13.96 26.77
C LEU A 277 -19.83 -15.06 27.74
N LYS A 278 -21.07 -15.53 27.66
CA LYS A 278 -21.48 -16.66 28.50
C LYS A 278 -20.78 -17.95 28.10
N MET A 279 -20.21 -18.02 26.89
CA MET A 279 -19.49 -19.19 26.42
C MET A 279 -18.00 -19.15 26.73
N ARG A 280 -17.51 -18.02 27.26
CA ARG A 280 -16.09 -17.91 27.58
C ARG A 280 -15.64 -19.03 28.49
N ALA A 281 -16.44 -19.35 29.51
CA ALA A 281 -16.04 -20.34 30.50
C ALA A 281 -15.76 -21.70 29.86
N THR A 282 -16.65 -22.14 28.97
CA THR A 282 -16.54 -23.46 28.38
C THR A 282 -15.72 -23.47 27.09
N GLU A 283 -15.77 -22.40 26.30
CA GLU A 283 -15.21 -22.41 24.96
C GLU A 283 -14.07 -21.42 24.74
N GLY A 284 -13.87 -20.46 25.64
CA GLY A 284 -12.80 -19.50 25.45
C GLY A 284 -13.05 -18.64 24.23
N THR A 285 -12.06 -18.55 23.35
CA THR A 285 -12.17 -17.78 22.11
C THR A 285 -12.26 -18.68 20.87
N ALA A 286 -12.50 -19.97 21.05
CA ALA A 286 -12.76 -20.82 19.89
C ALA A 286 -13.93 -20.34 19.03
N PRO A 287 -15.06 -19.89 19.60
CA PRO A 287 -16.10 -19.32 18.72
C PRO A 287 -15.64 -18.09 17.98
N ASP A 288 -14.86 -17.22 18.64
CA ASP A 288 -14.31 -16.04 17.97
C ASP A 288 -13.49 -16.44 16.75
N ASP A 289 -12.66 -17.48 16.89
CA ASP A 289 -11.79 -17.89 15.80
C ASP A 289 -12.59 -18.46 14.64
N TYR A 290 -13.64 -19.22 14.94
CA TYR A 290 -14.48 -19.79 13.88
C TYR A 290 -15.17 -18.69 13.09
N ILE A 291 -15.81 -17.75 13.79
CA ILE A 291 -16.50 -16.66 13.11
C ILE A 291 -15.54 -15.86 12.24
N THR A 292 -14.36 -15.52 12.78
CA THR A 292 -13.38 -14.76 12.02
C THR A 292 -12.88 -15.57 10.84
N ARG A 293 -12.71 -16.89 11.01
CA ARG A 293 -12.24 -17.72 9.91
C ARG A 293 -13.24 -17.76 8.77
N VAL A 294 -14.51 -18.06 9.07
CA VAL A 294 -15.49 -18.15 7.99
C VAL A 294 -15.76 -16.79 7.33
N ALA A 295 -15.49 -15.69 8.04
CA ALA A 295 -15.64 -14.37 7.44
C ALA A 295 -14.53 -14.11 6.42
N ARG A 296 -13.32 -14.57 6.71
CA ARG A 296 -12.20 -14.38 5.79
C ARG A 296 -12.34 -15.19 4.52
N SER A 297 -13.27 -16.15 4.48
CA SER A 297 -13.43 -17.04 3.33
C SER A 297 -14.90 -17.19 2.99
N PRO A 298 -15.42 -16.41 2.04
CA PRO A 298 -16.82 -16.60 1.61
C PRO A 298 -17.10 -17.97 1.01
N GLU A 299 -16.06 -18.73 0.64
CA GLU A 299 -16.28 -20.10 0.21
C GLU A 299 -16.58 -21.01 1.40
N GLN A 300 -15.92 -20.76 2.53
CA GLN A 300 -16.18 -21.56 3.72
C GLN A 300 -17.56 -21.25 4.32
N LEU A 301 -18.08 -20.07 4.05
CA LEU A 301 -19.40 -19.65 4.51
C LEU A 301 -20.49 -20.47 3.82
N LYS A 305 -23.18 -23.12 5.76
CA LYS A 305 -24.48 -22.47 5.59
C LYS A 305 -25.59 -23.49 5.44
N HIS A 306 -26.61 -23.36 6.28
CA HIS A 306 -27.71 -24.32 6.30
C HIS A 306 -28.92 -23.64 6.92
N GLU A 307 -30.08 -24.28 6.74
CA GLU A 307 -31.31 -23.89 7.42
C GLU A 307 -31.65 -22.43 7.19
N SER A 308 -31.79 -22.07 5.91
CA SER A 308 -32.07 -20.69 5.56
C SER A 308 -33.41 -20.25 6.12
N TRP A 309 -33.41 -19.04 6.69
CA TRP A 309 -34.59 -18.33 7.11
C TRP A 309 -34.90 -17.27 6.06
N SER A 310 -35.95 -16.48 6.29
CA SER A 310 -36.19 -15.36 5.38
C SER A 310 -35.23 -14.21 5.69
N LYS A 311 -35.30 -13.17 4.85
CA LYS A 311 -34.57 -11.90 5.06
C LYS A 311 -33.06 -12.07 5.02
N GLY A 312 -32.57 -13.09 4.33
CA GLY A 312 -31.15 -13.33 4.21
C GLY A 312 -30.50 -13.98 5.40
N LEU A 313 -31.27 -14.39 6.41
CA LEU A 313 -30.73 -15.00 7.61
C LEU A 313 -30.51 -16.49 7.39
N PHE A 314 -29.45 -17.04 7.98
CA PHE A 314 -29.21 -18.48 7.90
C PHE A 314 -28.33 -18.90 9.07
N TRP A 315 -28.15 -20.20 9.20
CA TRP A 315 -27.45 -20.77 10.35
C TRP A 315 -26.11 -21.35 9.96
N LEU A 316 -25.14 -21.22 10.87
CA LEU A 316 -23.84 -21.86 10.77
C LEU A 316 -23.61 -22.75 11.96
N LYS A 317 -22.80 -23.79 11.78
CA LYS A 317 -22.38 -24.67 12.86
C LYS A 317 -20.86 -24.74 12.87
N ARG A 318 -20.26 -24.54 14.05
CA ARG A 318 -18.81 -24.49 14.14
C ARG A 318 -18.19 -25.84 13.79
N GLY A 319 -18.75 -26.93 14.29
CA GLY A 319 -18.22 -28.25 14.01
C GLY A 319 -19.03 -29.38 14.62
N THR A 322 -19.38 -29.72 18.28
CA THR A 322 -19.79 -28.62 19.17
C THR A 322 -21.27 -28.34 18.99
N ARG A 323 -21.90 -27.82 20.04
CA ARG A 323 -23.35 -27.61 20.03
C ARG A 323 -23.77 -26.20 19.63
N ASP A 324 -22.84 -25.24 19.65
CA ASP A 324 -23.22 -23.87 19.35
C ASP A 324 -23.62 -23.72 17.88
N ARG A 325 -24.58 -22.82 17.66
CA ARG A 325 -25.02 -22.46 16.32
C ARG A 325 -25.12 -20.95 16.22
N TYR A 326 -24.88 -20.43 15.02
CA TYR A 326 -24.80 -19.00 14.77
C TYR A 326 -25.91 -18.60 13.80
N LEU A 327 -26.75 -17.67 14.20
CA LEU A 327 -27.74 -17.07 13.31
C LEU A 327 -27.10 -15.84 12.68
N VAL A 328 -26.92 -15.87 11.35
CA VAL A 328 -26.11 -14.86 10.68
C VAL A 328 -26.82 -14.36 9.43
N SER A 329 -26.34 -13.20 8.96
CA SER A 329 -26.68 -12.72 7.63
C SER A 329 -25.49 -11.90 7.10
N VAL A 330 -25.49 -11.64 5.80
CA VAL A 330 -24.39 -10.90 5.18
C VAL A 330 -24.96 -9.61 4.59
N GLU A 331 -24.38 -8.48 4.99
CA GLU A 331 -24.74 -7.19 4.40
C GLU A 331 -23.46 -6.55 3.90
N GLY A 332 -23.29 -6.58 2.58
CA GLY A 332 -22.08 -6.03 1.99
C GLY A 332 -20.88 -6.79 2.51
N TRP A 333 -19.97 -6.07 3.15
CA TRP A 333 -18.74 -6.66 3.67
C TRP A 333 -18.86 -7.14 5.11
N ARG A 334 -20.04 -7.06 5.70
CA ARG A 334 -20.24 -7.32 7.13
C ARG A 334 -20.95 -8.66 7.27
N LEU A 335 -20.32 -9.59 8.01
CA LEU A 335 -21.00 -10.80 8.45
C LEU A 335 -21.67 -10.50 9.77
N LEU A 336 -23.01 -10.38 9.75
CA LEU A 336 -23.78 -10.01 10.94
C LEU A 336 -24.11 -11.26 11.74
N VAL A 337 -23.68 -11.30 12.99
CA VAL A 337 -24.01 -12.41 13.89
C VAL A 337 -25.14 -11.95 14.79
N TRP A 338 -26.33 -12.47 14.56
CA TRP A 338 -27.53 -12.07 15.29
C TRP A 338 -27.63 -12.75 16.65
N ARG A 339 -27.39 -14.07 16.68
CA ARG A 339 -27.45 -14.86 17.91
C ARG A 339 -26.37 -15.93 17.84
N ILE A 340 -25.88 -16.34 19.02
CA ILE A 340 -25.10 -17.57 19.19
C ILE A 340 -25.82 -18.39 20.25
N VAL A 341 -26.22 -19.61 19.90
CA VAL A 341 -27.11 -20.38 20.77
C VAL A 341 -26.64 -21.82 20.90
N ASP A 342 -27.05 -22.46 21.99
CA ASP A 342 -26.79 -23.88 22.20
C ASP A 342 -27.81 -24.72 21.42
N HIS A 343 -27.63 -26.05 21.48
CA HIS A 343 -28.46 -26.94 20.67
C HIS A 343 -29.93 -26.83 21.05
N ASP A 344 -30.21 -26.66 22.34
CA ASP A 344 -31.60 -26.62 22.77
C ASP A 344 -32.29 -25.36 22.29
N GLU A 345 -31.65 -24.21 22.44
CA GLU A 345 -32.28 -22.97 21.99
C GLU A 345 -32.39 -22.95 20.46
N TYR A 346 -31.42 -23.55 19.76
CA TYR A 346 -31.52 -23.68 18.31
C TYR A 346 -32.79 -24.44 17.92
N ASP A 347 -33.01 -25.60 18.54
CA ASP A 347 -34.22 -26.36 18.26
C ASP A 347 -35.47 -25.52 18.50
N ASP A 348 -35.51 -24.78 19.62
CA ASP A 348 -36.70 -23.98 19.91
C ASP A 348 -36.89 -22.86 18.89
N LEU A 349 -35.79 -22.31 18.36
CA LEU A 349 -35.88 -21.26 17.34
C LEU A 349 -36.38 -21.83 16.02
N LEU A 350 -35.90 -23.02 15.64
CA LEU A 350 -36.47 -23.68 14.46
C LEU A 350 -37.97 -23.89 14.62
N THR A 351 -38.41 -24.23 15.84
CA THR A 351 -39.83 -24.41 16.07
C THR A 351 -40.58 -23.10 15.81
N GLN A 352 -40.03 -21.98 16.25
N GLN A 352 -40.05 -21.97 16.26
CA GLN A 352 -40.70 -20.70 15.99
CA GLN A 352 -40.71 -20.71 15.98
C GLN A 352 -40.78 -20.44 14.49
C GLN A 352 -40.77 -20.43 14.49
N ASN A 353 -39.76 -20.87 13.73
CA ASN A 353 -39.76 -20.70 12.28
C ASN A 353 -40.66 -21.70 11.55
N ARG A 354 -41.11 -22.77 12.21
CA ARG A 354 -42.13 -23.60 11.59
C ARG A 354 -43.51 -23.01 11.80
N LYS A 355 -43.68 -22.26 12.88
CA LYS A 355 -44.97 -21.68 13.23
C LYS A 355 -45.18 -20.31 12.62
N THR A 356 -44.09 -19.63 12.24
CA THR A 356 -44.17 -18.25 11.78
C THR A 356 -43.06 -18.05 10.76
N ASP A 357 -43.07 -16.87 10.12
CA ASP A 357 -41.91 -16.40 9.36
C ASP A 357 -40.96 -15.80 10.39
N ALA A 358 -40.09 -16.64 10.95
CA ALA A 358 -39.26 -16.20 12.06
C ALA A 358 -38.24 -15.15 11.62
N GLY A 359 -37.70 -15.27 10.40
CA GLY A 359 -36.77 -14.25 9.93
C GLY A 359 -37.39 -12.87 9.87
N ALA A 360 -38.63 -12.78 9.38
CA ALA A 360 -39.32 -11.51 9.36
C ALA A 360 -39.50 -10.95 10.75
N ARG A 361 -39.78 -11.81 11.72
CA ARG A 361 -39.96 -11.32 13.08
C ARG A 361 -38.63 -10.87 13.70
N VAL A 362 -37.52 -11.49 13.30
CA VAL A 362 -36.20 -11.06 13.77
C VAL A 362 -35.88 -9.66 13.26
N VAL A 363 -36.08 -9.44 11.96
CA VAL A 363 -35.70 -8.16 11.36
C VAL A 363 -36.59 -7.04 11.88
N ALA A 364 -37.84 -7.34 12.21
CA ALA A 364 -38.71 -6.31 12.78
C ALA A 364 -38.16 -5.78 14.11
N GLU A 365 -37.42 -6.61 14.85
CA GLU A 365 -36.86 -6.20 16.14
C GLU A 365 -35.42 -5.70 16.03
N ARG A 366 -34.95 -5.41 14.82
CA ARG A 366 -33.56 -5.05 14.63
C ARG A 366 -33.13 -3.89 15.53
N ARG A 367 -33.84 -2.77 15.45
CA ARG A 367 -33.41 -1.58 16.18
C ARG A 367 -33.53 -1.77 17.69
N GLU A 368 -34.55 -2.50 18.16
CA GLU A 368 -34.81 -2.59 19.60
C GLU A 368 -33.96 -3.65 20.29
N LYS A 369 -33.64 -4.75 19.63
CA LYS A 369 -32.97 -5.85 20.29
C LYS A 369 -31.55 -6.11 19.83
N TYR A 370 -31.23 -5.87 18.55
CA TYR A 370 -29.97 -6.30 17.98
C TYR A 370 -29.00 -5.17 17.70
N ALA A 371 -29.49 -4.04 17.20
CA ALA A 371 -28.61 -2.92 16.88
C ALA A 371 -28.15 -2.21 18.15
N PRO A 372 -26.94 -1.64 18.15
CA PRO A 372 -25.98 -1.68 17.06
C PRO A 372 -25.17 -2.97 17.06
N PHE A 373 -24.81 -3.45 15.87
CA PHE A 373 -23.80 -4.48 15.74
C PHE A 373 -22.42 -3.87 15.92
N VAL A 374 -21.55 -4.58 16.62
CA VAL A 374 -20.20 -4.11 16.91
C VAL A 374 -19.22 -5.05 16.24
N ARG A 375 -18.13 -4.47 15.75
CA ARG A 375 -17.11 -5.25 15.08
C ARG A 375 -16.57 -6.30 16.05
N LEU A 376 -16.40 -7.53 15.55
CA LEU A 376 -15.82 -8.60 16.38
C LEU A 376 -14.32 -8.35 16.45
N GLU A 377 -13.94 -7.43 17.33
CA GLU A 377 -12.55 -7.15 17.65
C GLU A 377 -12.54 -6.84 19.14
N LEU A 378 -12.34 -7.88 19.94
CA LEU A 378 -12.46 -7.77 21.38
C LEU A 378 -11.08 -7.67 21.99
N TYR A 379 -10.92 -6.75 22.93
CA TYR A 379 -9.66 -6.54 23.62
C TYR A 379 -9.87 -6.94 25.08
N GLU A 380 -9.13 -7.95 25.52
CA GLU A 380 -9.35 -8.54 26.85
C GLU A 380 -8.08 -9.16 27.41
N TRP A 385 -1.36 -3.74 32.08
CA TRP A 385 -0.66 -3.08 30.98
C TRP A 385 0.85 -3.06 31.23
N SER A 386 1.60 -3.70 30.32
CA SER A 386 3.04 -3.91 30.49
C SER A 386 3.87 -2.93 29.66
N HIS A 387 3.35 -1.75 29.38
CA HIS A 387 4.11 -0.69 28.75
C HIS A 387 3.91 0.60 29.53
N PRO A 388 4.82 1.58 29.35
CA PRO A 388 4.62 2.88 29.99
C PRO A 388 3.27 3.47 29.67
N GLN A 389 2.71 4.20 30.65
CA GLN A 389 1.41 4.82 30.42
C GLN A 389 1.55 5.94 29.38
N PHE A 390 0.44 6.23 28.72
CA PHE A 390 0.41 7.23 27.65
C PHE A 390 0.94 8.58 28.14
N GLU A 391 1.84 9.19 27.37
CA GLU A 391 2.44 10.45 27.75
C GLU A 391 1.59 11.61 27.28
N ALA B 2 9.33 24.51 -0.21
CA ALA B 2 9.06 23.10 -0.01
C ALA B 2 10.36 22.34 0.17
N VAL B 3 10.28 21.12 0.69
CA VAL B 3 11.43 20.26 0.89
C VAL B 3 11.27 19.07 -0.04
N TYR B 4 12.12 19.00 -1.06
CA TYR B 4 12.03 17.95 -2.06
C TYR B 4 12.99 16.82 -1.70
N LEU B 5 12.42 15.65 -1.44
CA LEU B 5 13.19 14.48 -1.05
C LEU B 5 13.38 13.61 -2.29
N CYS B 6 14.57 13.66 -2.87
CA CYS B 6 14.82 13.18 -4.21
C CYS B 6 15.67 11.91 -4.18
N THR B 7 15.22 10.87 -4.90
CA THR B 7 16.12 9.78 -5.20
C THR B 7 17.03 10.25 -6.32
N CYS B 8 18.26 9.71 -6.37
N CYS B 8 18.25 9.73 -6.35
CA CYS B 8 19.25 10.23 -7.30
CA CYS B 8 19.24 10.16 -7.32
C CYS B 8 19.97 9.09 -8.03
C CYS B 8 19.80 8.99 -8.09
N GLY B 9 20.12 9.24 -9.35
CA GLY B 9 20.78 8.27 -10.19
C GLY B 9 22.00 8.89 -10.84
N THR B 10 22.35 8.38 -12.03
CA THR B 10 23.58 8.82 -12.70
C THR B 10 23.30 9.48 -14.04
N SER B 11 22.07 9.94 -14.28
CA SER B 11 21.74 10.56 -15.55
C SER B 11 22.49 11.87 -15.73
N ALA B 12 22.98 12.50 -14.66
CA ALA B 12 23.81 13.70 -14.82
C ALA B 12 25.01 13.45 -15.71
N ALA B 13 25.49 12.21 -15.75
CA ALA B 13 26.71 11.84 -16.47
C ALA B 13 26.42 11.29 -17.86
N LYS B 14 25.25 11.57 -18.41
CA LYS B 14 24.82 10.90 -19.63
C LYS B 14 25.73 11.23 -20.82
N LYS B 15 26.36 12.40 -20.84
N LYS B 15 26.37 12.40 -20.83
CA LYS B 15 27.24 12.73 -21.95
CA LYS B 15 27.25 12.74 -21.94
C LYS B 15 28.44 11.80 -22.02
C LYS B 15 28.44 11.79 -22.02
N PHE B 16 28.75 11.08 -20.93
CA PHE B 16 29.87 10.16 -20.92
C PHE B 16 29.49 8.73 -21.26
N PHE B 17 28.19 8.43 -21.35
CA PHE B 17 27.77 7.07 -21.68
C PHE B 17 28.22 6.73 -23.09
N GLY B 18 28.85 5.56 -23.25
CA GLY B 18 29.36 5.13 -24.55
C GLY B 18 30.80 5.54 -24.83
N GLN B 19 31.34 6.47 -24.07
CA GLN B 19 32.74 6.85 -24.21
C GLN B 19 33.63 5.89 -23.43
N THR B 20 34.90 5.82 -23.82
CA THR B 20 35.90 5.00 -23.15
C THR B 20 37.13 5.84 -22.89
N PRO B 21 37.67 5.87 -21.65
CA PRO B 21 37.21 5.16 -20.44
C PRO B 21 35.77 5.45 -20.08
N ARG B 22 35.05 4.40 -19.65
CA ARG B 22 33.65 4.54 -19.34
C ARG B 22 33.49 5.32 -18.04
N PHE B 23 32.29 5.84 -17.84
CA PHE B 23 31.99 6.54 -16.60
C PHE B 23 31.65 5.54 -15.51
N ASP B 24 32.49 5.48 -14.49
CA ASP B 24 32.34 4.57 -13.35
C ASP B 24 33.13 5.16 -12.19
N ALA B 25 33.33 4.36 -11.14
CA ALA B 25 34.03 4.88 -9.97
C ALA B 25 35.49 5.24 -10.29
N ALA B 26 36.16 4.43 -11.11
CA ALA B 26 37.54 4.72 -11.48
C ALA B 26 37.63 6.02 -12.26
N TRP B 27 36.59 6.33 -13.04
CA TRP B 27 36.54 7.61 -13.74
C TRP B 27 36.56 8.76 -12.74
N VAL B 28 35.77 8.65 -11.68
CA VAL B 28 35.73 9.69 -10.66
C VAL B 28 37.12 9.94 -10.06
N THR B 29 37.83 8.87 -9.74
CA THR B 29 39.19 9.01 -9.21
C THR B 29 40.11 9.71 -10.21
N GLU B 30 40.11 9.25 -11.47
CA GLU B 30 41.00 9.82 -12.47
C GLU B 30 40.75 11.32 -12.60
N HIS B 31 39.52 11.76 -12.38
CA HIS B 31 39.20 13.16 -12.52
C HIS B 31 39.26 13.91 -11.21
N GLY B 32 39.87 13.31 -10.19
CA GLY B 32 40.26 14.01 -8.99
C GLY B 32 39.45 13.75 -7.75
N GLY B 33 38.56 12.74 -7.74
CA GLY B 33 37.69 12.50 -6.61
C GLY B 33 36.29 13.07 -6.81
N VAL B 34 35.42 12.80 -5.84
CA VAL B 34 33.99 13.08 -6.00
C VAL B 34 33.77 14.55 -6.32
N GLU B 35 34.36 15.46 -5.52
CA GLU B 35 34.06 16.88 -5.74
C GLU B 35 34.63 17.36 -7.06
N ALA B 36 35.89 17.01 -7.35
CA ALA B 36 36.52 17.44 -8.60
C ALA B 36 35.82 16.83 -9.80
N ALA B 37 35.50 15.54 -9.71
CA ALA B 37 34.79 14.87 -10.81
C ALA B 37 33.40 15.46 -11.02
N SER B 38 32.75 15.93 -9.95
CA SER B 38 31.41 16.50 -10.08
C SER B 38 31.43 17.78 -10.90
N LYS B 39 32.55 18.53 -10.84
CA LYS B 39 32.68 19.72 -11.68
C LYS B 39 32.82 19.34 -13.15
N VAL B 40 33.59 18.28 -13.44
CA VAL B 40 33.72 17.82 -14.82
C VAL B 40 32.36 17.37 -15.37
N ILE B 41 31.60 16.61 -14.57
CA ILE B 41 30.25 16.22 -14.97
C ILE B 41 29.39 17.45 -15.21
N TYR B 42 29.34 18.34 -14.20
CA TYR B 42 28.55 19.57 -14.28
C TYR B 42 28.89 20.36 -15.53
N ASP B 43 30.18 20.45 -15.87
CA ASP B 43 30.56 21.21 -17.06
C ASP B 43 29.86 20.73 -18.32
N THR B 44 29.50 19.44 -18.39
CA THR B 44 28.89 18.93 -19.62
C THR B 44 27.50 19.51 -19.87
N PHE B 45 26.82 20.01 -18.83
CA PHE B 45 25.49 20.56 -19.04
C PHE B 45 25.30 21.93 -18.41
N ARG B 46 26.39 22.60 -18.00
CA ARG B 46 26.23 23.83 -17.24
C ARG B 46 25.61 24.96 -18.05
N THR B 47 25.64 24.88 -19.38
CA THR B 47 25.06 25.94 -20.18
C THR B 47 23.62 25.67 -20.56
N ALA B 48 23.10 24.49 -20.23
CA ALA B 48 21.71 24.18 -20.50
C ALA B 48 20.82 24.99 -19.55
N ARG B 49 19.77 25.58 -20.11
CA ARG B 49 18.89 26.47 -19.36
C ARG B 49 17.63 25.74 -18.93
N LEU B 50 17.15 26.06 -17.73
CA LEU B 50 15.92 25.47 -17.23
C LEU B 50 14.71 25.84 -18.07
N ASP B 51 14.78 26.96 -18.81
CA ASP B 51 13.67 27.40 -19.65
C ASP B 51 13.65 26.74 -21.02
N ASP B 52 14.71 26.02 -21.40
CA ASP B 52 14.81 25.41 -22.72
C ASP B 52 14.21 24.01 -22.66
N GLU B 53 13.08 23.82 -23.33
CA GLU B 53 12.36 22.56 -23.26
C GLU B 53 13.15 21.42 -23.91
N VAL B 54 13.92 21.71 -24.96
CA VAL B 54 14.73 20.67 -25.58
C VAL B 54 15.85 20.23 -24.64
N ALA B 55 16.49 21.18 -23.97
CA ALA B 55 17.60 20.85 -23.09
C ALA B 55 17.13 20.12 -21.85
N LEU B 56 15.98 20.54 -21.30
CA LEU B 56 15.43 19.91 -20.09
C LEU B 56 15.30 18.41 -20.26
N LYS B 57 14.83 17.96 -21.42
CA LYS B 57 14.62 16.53 -21.66
C LYS B 57 15.90 15.83 -22.11
N ARG B 58 16.70 16.49 -22.94
CA ARG B 58 17.85 15.86 -23.57
C ARG B 58 19.13 16.01 -22.75
N ASP B 59 19.41 17.20 -22.23
CA ASP B 59 20.72 17.49 -21.68
C ASP B 59 20.78 17.42 -20.16
N LEU B 60 19.69 17.68 -19.48
CA LEU B 60 19.72 17.80 -18.02
C LEU B 60 19.31 16.49 -17.35
N SER B 61 19.75 16.33 -16.11
CA SER B 61 19.54 15.08 -15.40
C SER B 61 18.07 14.90 -15.03
N ALA B 62 17.69 13.66 -14.73
CA ALA B 62 16.31 13.38 -14.36
C ALA B 62 15.91 14.14 -13.09
N GLU B 63 16.84 14.32 -12.16
CA GLU B 63 16.56 15.12 -10.97
C GLU B 63 16.28 16.57 -11.34
N ILE B 64 17.08 17.14 -12.24
CA ILE B 64 16.91 18.55 -12.56
C ILE B 64 15.63 18.76 -13.36
N HIS B 65 15.37 17.88 -14.32
CA HIS B 65 14.14 17.95 -15.11
C HIS B 65 12.92 17.92 -14.21
N SER B 66 12.86 16.95 -13.31
CA SER B 66 11.70 16.83 -12.43
C SER B 66 11.58 18.03 -11.49
N LEU B 67 12.70 18.49 -10.91
CA LEU B 67 12.63 19.63 -10.00
C LEU B 67 12.20 20.90 -10.73
N ALA B 68 12.66 21.08 -11.96
CA ALA B 68 12.20 22.23 -12.73
C ALA B 68 10.71 22.17 -12.97
N ARG B 69 10.17 20.97 -13.23
CA ARG B 69 8.75 20.84 -13.46
C ARG B 69 7.95 21.03 -12.18
N MET B 70 8.60 20.86 -11.02
CA MET B 70 8.00 21.17 -9.73
C MET B 70 8.12 22.64 -9.35
N GLY B 71 8.72 23.47 -10.21
CA GLY B 71 8.86 24.88 -9.91
C GLY B 71 9.86 25.16 -8.80
N VAL B 72 10.95 24.40 -8.74
CA VAL B 72 11.95 24.58 -7.69
C VAL B 72 12.46 26.02 -7.73
N ASN B 73 12.70 26.60 -6.55
CA ASN B 73 13.09 28.01 -6.47
C ASN B 73 14.02 28.21 -5.27
N ASP B 74 14.51 29.44 -5.12
CA ASP B 74 15.56 29.74 -4.16
C ASP B 74 15.10 29.62 -2.71
N LYS B 75 13.80 29.48 -2.46
CA LYS B 75 13.28 29.29 -1.11
C LYS B 75 13.11 27.82 -0.73
N ASP B 76 13.40 26.90 -1.64
CA ASP B 76 13.20 25.49 -1.38
C ASP B 76 14.46 24.83 -0.80
N THR B 77 14.25 23.63 -0.28
CA THR B 77 15.32 22.73 0.11
C THR B 77 15.25 21.49 -0.78
N VAL B 78 16.40 21.03 -1.23
CA VAL B 78 16.50 19.82 -2.04
C VAL B 78 17.43 18.86 -1.32
N VAL B 79 16.91 17.69 -0.96
CA VAL B 79 17.69 16.63 -0.34
C VAL B 79 17.90 15.52 -1.38
N LEU B 80 19.15 15.30 -1.76
CA LEU B 80 19.49 14.32 -2.78
C LEU B 80 20.00 13.07 -2.09
N PHE B 81 19.24 11.98 -2.16
CA PHE B 81 19.65 10.71 -1.56
C PHE B 81 20.49 9.94 -2.55
N SER B 82 21.78 9.84 -2.27
CA SER B 82 22.70 9.26 -3.22
C SER B 82 23.06 7.84 -2.83
N SER B 83 23.35 7.03 -3.84
N SER B 83 23.36 7.02 -3.83
CA SER B 83 24.04 5.77 -3.65
CA SER B 83 24.01 5.75 -3.57
C SER B 83 25.37 6.01 -2.94
C SER B 83 25.36 6.01 -2.91
N GLU B 84 25.90 4.97 -2.27
CA GLU B 84 27.19 5.10 -1.58
C GLU B 84 28.38 5.17 -2.54
N THR B 85 28.18 4.84 -3.81
CA THR B 85 29.29 4.72 -4.77
C THR B 85 29.85 6.11 -5.14
N ALA B 86 31.09 6.11 -5.61
CA ALA B 86 31.75 7.37 -5.94
C ALA B 86 31.09 8.02 -7.16
N ASP B 87 30.67 7.21 -8.13
CA ASP B 87 30.01 7.78 -9.31
C ASP B 87 28.60 8.26 -8.97
N GLY B 88 27.88 7.54 -8.12
CA GLY B 88 26.61 8.06 -7.65
C GLY B 88 26.77 9.41 -6.97
N GLN B 89 27.73 9.50 -6.05
CA GLN B 89 27.90 10.75 -5.33
C GLN B 89 28.34 11.88 -6.27
N ALA B 90 29.27 11.59 -7.19
CA ALA B 90 29.73 12.63 -8.12
C ALA B 90 28.59 13.21 -8.93
N CYS B 91 27.64 12.38 -9.37
CA CYS B 91 26.48 12.89 -10.07
C CYS B 91 25.60 13.77 -9.16
N ALA B 92 25.43 13.35 -7.90
CA ALA B 92 24.59 14.14 -7.01
C ALA B 92 25.21 15.49 -6.74
N TRP B 93 26.54 15.51 -6.57
CA TRP B 93 27.24 16.79 -6.41
C TRP B 93 27.14 17.64 -7.68
N ALA B 94 27.14 17.01 -8.86
CA ALA B 94 26.93 17.79 -10.09
C ALA B 94 25.55 18.43 -10.13
N VAL B 95 24.53 17.69 -9.70
CA VAL B 95 23.18 18.25 -9.63
C VAL B 95 23.13 19.43 -8.67
N LYS B 96 23.71 19.25 -7.48
CA LYS B 96 23.82 20.34 -6.51
C LYS B 96 24.47 21.60 -7.11
N ARG B 97 25.61 21.43 -7.79
CA ARG B 97 26.26 22.58 -8.42
C ARG B 97 25.32 23.31 -9.37
N TYR B 98 24.55 22.55 -10.16
CA TYR B 98 23.68 23.18 -11.14
C TYR B 98 22.52 23.90 -10.46
N LEU B 99 21.92 23.27 -9.44
CA LEU B 99 20.79 23.89 -8.76
C LEU B 99 21.22 25.17 -8.05
N GLU B 100 22.43 25.19 -7.50
CA GLU B 100 22.90 26.37 -6.78
C GLU B 100 23.23 27.51 -7.73
N GLN B 101 23.67 27.19 -8.95
CA GLN B 101 23.88 28.22 -9.96
C GLN B 101 22.56 28.70 -10.55
N ALA B 102 21.61 27.79 -10.79
CA ALA B 102 20.34 28.14 -11.41
C ALA B 102 19.43 28.92 -10.47
N ARG B 103 19.54 28.67 -9.17
CA ARG B 103 18.61 29.23 -8.17
C ARG B 103 19.40 29.66 -6.95
N PRO B 104 20.21 30.71 -7.07
CA PRO B 104 21.09 31.10 -5.96
C PRO B 104 20.31 31.30 -4.68
N GLY B 105 20.79 30.68 -3.61
CA GLY B 105 20.13 30.71 -2.32
C GLY B 105 19.44 29.40 -1.95
N ILE B 106 19.20 28.53 -2.94
CA ILE B 106 18.57 27.26 -2.64
C ILE B 106 19.46 26.46 -1.68
N LEU B 107 18.83 25.72 -0.77
CA LEU B 107 19.53 24.83 0.15
C LEU B 107 19.52 23.43 -0.43
N CYS B 108 20.70 22.90 -0.73
CA CYS B 108 20.80 21.57 -1.32
C CYS B 108 21.77 20.74 -0.48
N ARG B 109 21.30 19.56 -0.05
CA ARG B 109 22.04 18.66 0.80
C ARG B 109 22.13 17.30 0.12
N ILE B 110 23.30 16.67 0.22
CA ILE B 110 23.48 15.33 -0.31
C ILE B 110 23.56 14.36 0.85
N GLU B 111 22.66 13.37 0.83
N GLU B 111 22.65 13.39 0.86
CA GLU B 111 22.55 12.35 1.87
CA GLU B 111 22.58 12.36 1.89
C GLU B 111 23.00 11.02 1.26
C GLU B 111 23.02 11.04 1.27
N VAL B 112 24.19 10.56 1.66
CA VAL B 112 24.71 9.30 1.16
C VAL B 112 24.11 8.16 1.96
N VAL B 113 23.51 7.20 1.27
CA VAL B 113 22.79 6.12 1.91
C VAL B 113 23.66 4.87 1.89
N ALA B 114 24.08 4.41 3.07
CA ALA B 114 24.93 3.24 3.14
C ALA B 114 24.21 2.00 2.64
N GLY B 115 24.90 1.21 1.81
CA GLY B 115 24.35 0.01 1.22
C GLY B 115 23.43 0.24 0.05
N LEU B 116 23.16 1.48 -0.32
CA LEU B 116 22.38 1.77 -1.51
C LEU B 116 23.33 1.77 -2.69
N GLN B 117 23.11 0.86 -3.64
CA GLN B 117 23.97 0.69 -4.80
C GLN B 117 23.22 -0.22 -5.76
N VAL B 118 23.77 -0.43 -6.95
CA VAL B 118 23.02 -1.06 -8.04
C VAL B 118 23.46 -2.49 -8.34
N THR B 119 24.42 -3.05 -7.61
CA THR B 119 24.99 -4.35 -8.01
C THR B 119 24.78 -5.48 -7.03
N ASP B 120 24.49 -5.21 -5.77
CA ASP B 120 24.42 -6.25 -4.74
C ASP B 120 22.99 -6.24 -4.17
N ALA B 121 22.16 -7.18 -4.63
CA ALA B 121 20.77 -7.24 -4.18
C ALA B 121 20.66 -7.53 -2.69
N HIS B 122 21.54 -8.39 -2.17
CA HIS B 122 21.41 -8.76 -0.76
C HIS B 122 21.72 -7.59 0.16
N VAL B 123 22.77 -6.83 -0.16
CA VAL B 123 23.08 -5.64 0.63
C VAL B 123 21.98 -4.61 0.49
N PHE B 124 21.43 -4.47 -0.72
CA PHE B 124 20.28 -3.59 -0.87
C PHE B 124 19.12 -4.03 0.01
N ARG B 125 18.75 -5.32 -0.03
CA ARG B 125 17.50 -5.71 0.63
C ARG B 125 17.63 -5.74 2.16
N THR B 126 18.82 -5.93 2.70
CA THR B 126 19.00 -5.99 4.16
C THR B 126 19.49 -4.70 4.78
N ALA B 127 20.10 -3.80 4.01
CA ALA B 127 20.66 -2.58 4.59
C ALA B 127 20.34 -1.35 3.77
N GLY B 128 20.60 -1.38 2.47
CA GLY B 128 20.45 -0.18 1.67
C GLY B 128 19.05 0.40 1.73
N VAL B 129 18.04 -0.43 1.47
CA VAL B 129 16.68 0.10 1.40
C VAL B 129 16.18 0.45 2.79
N LEU B 130 16.67 -0.24 3.81
CA LEU B 130 16.32 0.13 5.18
C LEU B 130 16.94 1.47 5.57
N ASN B 131 18.22 1.67 5.25
CA ASN B 131 18.86 2.95 5.51
C ASN B 131 18.17 4.08 4.75
N PHE B 132 17.77 3.81 3.51
CA PHE B 132 17.02 4.80 2.74
C PHE B 132 15.73 5.17 3.45
N THR B 133 14.96 4.15 3.85
CA THR B 133 13.66 4.39 4.49
C THR B 133 13.85 5.21 5.76
N LYS B 134 14.82 4.80 6.61
CA LYS B 134 15.10 5.52 7.85
C LYS B 134 15.48 6.97 7.60
N ALA B 135 16.37 7.21 6.64
CA ALA B 135 16.83 8.56 6.37
C ALA B 135 15.72 9.44 5.84
N VAL B 136 14.85 8.89 4.99
CA VAL B 136 13.74 9.67 4.45
C VAL B 136 12.72 9.98 5.55
N LEU B 137 12.41 9.00 6.39
N LEU B 137 12.40 8.99 6.38
CA LEU B 137 11.46 9.22 7.48
CA LEU B 137 11.48 9.22 7.48
C LEU B 137 12.02 10.23 8.48
C LEU B 137 12.04 10.26 8.45
N HIS B 138 13.32 10.18 8.76
CA HIS B 138 13.93 11.18 9.64
C HIS B 138 13.75 12.57 9.07
N GLU B 139 13.95 12.73 7.76
CA GLU B 139 13.86 14.04 7.15
C GLU B 139 12.42 14.57 7.16
N ILE B 140 11.45 13.68 6.96
CA ILE B 140 10.05 14.08 7.05
C ILE B 140 9.73 14.56 8.46
N ASP B 141 10.24 13.84 9.45
CA ASP B 141 9.93 14.17 10.83
C ASP B 141 10.75 15.34 11.35
N ALA B 142 11.81 15.74 10.65
CA ALA B 142 12.67 16.84 11.03
C ALA B 142 12.34 18.13 10.30
N ASN B 143 11.34 18.13 9.41
CA ASN B 143 10.85 19.33 8.77
C ASN B 143 9.41 19.58 9.20
N GLY B 144 8.88 20.73 8.82
CA GLY B 144 7.53 21.08 9.20
C GLY B 144 6.49 20.23 8.50
N THR B 145 5.32 20.12 9.14
CA THR B 145 4.24 19.32 8.59
C THR B 145 3.79 19.88 7.24
N GLY B 146 3.49 18.97 6.31
CA GLY B 146 3.04 19.35 4.99
C GLY B 146 4.09 19.96 4.08
N GLN B 147 5.35 20.02 4.51
CA GLN B 147 6.37 20.71 3.75
C GLN B 147 7.09 19.83 2.74
N CYS B 148 7.01 18.50 2.86
CA CYS B 148 7.85 17.62 2.06
C CYS B 148 7.12 17.11 0.80
N VAL B 149 7.91 16.89 -0.25
CA VAL B 149 7.44 16.29 -1.50
C VAL B 149 8.44 15.19 -1.87
N LEU B 150 7.95 13.97 -2.10
CA LEU B 150 8.83 12.89 -2.49
C LEU B 150 8.98 12.90 -4.01
N ASN B 151 10.22 12.83 -4.48
CA ASN B 151 10.51 12.89 -5.92
C ASN B 151 11.38 11.69 -6.30
N PRO B 152 10.77 10.58 -6.66
CA PRO B 152 11.54 9.39 -7.04
C PRO B 152 11.99 9.34 -8.50
N THR B 153 12.02 10.48 -9.21
CA THR B 153 12.31 10.43 -10.65
C THR B 153 13.70 9.87 -10.93
N GLY B 154 14.70 10.32 -10.18
CA GLY B 154 16.05 10.34 -10.69
C GLY B 154 16.80 9.02 -10.77
N GLY B 155 16.49 8.05 -9.95
CA GLY B 155 17.12 6.76 -10.11
C GLY B 155 16.29 5.63 -9.55
N PHE B 156 16.94 4.47 -9.36
CA PHE B 156 16.41 3.34 -8.61
C PHE B 156 14.93 3.11 -8.79
N LYS B 157 14.55 2.44 -9.89
CA LYS B 157 13.21 1.89 -9.99
C LYS B 157 12.87 1.07 -8.76
N SER B 158 13.88 0.39 -8.21
CA SER B 158 13.64 -0.44 -7.03
C SER B 158 13.22 0.35 -5.80
N LEU B 159 13.50 1.66 -5.74
CA LEU B 159 13.05 2.43 -4.59
C LEU B 159 11.65 3.01 -4.74
N VAL B 160 11.05 2.99 -5.94
CA VAL B 160 9.69 3.53 -6.10
C VAL B 160 8.68 2.98 -5.10
N PRO B 161 8.56 1.67 -4.88
CA PRO B 161 7.53 1.17 -3.95
C PRO B 161 7.74 1.67 -2.52
N TYR B 162 8.99 1.84 -2.10
CA TYR B 162 9.26 2.31 -0.75
C TYR B 162 8.85 3.79 -0.58
N THR B 163 9.10 4.60 -1.60
N THR B 163 9.05 4.60 -1.61
CA THR B 163 8.59 5.97 -1.59
CA THR B 163 8.57 5.98 -1.53
C THR B 163 7.06 5.98 -1.48
C THR B 163 7.03 6.03 -1.53
N VAL B 164 6.38 5.10 -2.22
CA VAL B 164 4.91 5.02 -2.18
C VAL B 164 4.44 4.72 -0.76
N LEU B 165 5.08 3.73 -0.11
CA LEU B 165 4.65 3.33 1.23
C LEU B 165 4.90 4.43 2.24
N ILE B 166 6.09 5.04 2.21
CA ILE B 166 6.41 6.14 3.12
C ILE B 166 5.45 7.30 2.91
N GLY B 167 5.13 7.60 1.66
CA GLY B 167 4.18 8.67 1.36
C GLY B 167 2.79 8.36 1.88
N MET B 168 2.29 7.14 1.62
CA MET B 168 0.99 6.72 2.16
C MET B 168 0.96 6.87 3.68
N LEU B 169 2.02 6.43 4.35
CA LEU B 169 1.99 6.36 5.81
C LEU B 169 2.11 7.73 6.46
N ARG B 170 2.93 8.62 5.90
CA ARG B 170 3.15 9.92 6.52
C ARG B 170 2.31 11.02 5.87
N GLY B 171 1.50 10.68 4.87
CA GLY B 171 0.70 11.70 4.22
C GLY B 171 1.51 12.70 3.41
N VAL B 172 2.52 12.22 2.69
CA VAL B 172 3.43 13.06 1.92
C VAL B 172 3.23 12.73 0.44
N PRO B 173 3.00 13.72 -0.42
CA PRO B 173 2.75 13.42 -1.83
C PRO B 173 4.03 13.03 -2.53
N ALA B 174 3.89 12.24 -3.60
CA ALA B 174 5.03 11.83 -4.41
C ALA B 174 4.68 12.02 -5.87
N LYS B 175 5.63 12.58 -6.62
CA LYS B 175 5.43 12.89 -8.02
C LYS B 175 6.71 12.55 -8.77
N TYR B 176 6.56 12.16 -10.05
CA TYR B 176 7.75 12.04 -10.91
C TYR B 176 7.42 12.32 -12.37
N ILE B 177 8.50 12.47 -13.16
CA ILE B 177 8.33 12.68 -14.59
C ILE B 177 7.90 11.37 -15.22
N PHE B 178 6.83 11.44 -16.02
CA PHE B 178 6.33 10.24 -16.66
C PHE B 178 7.15 9.90 -17.89
N GLU B 179 7.83 8.75 -17.84
CA GLU B 179 8.61 8.18 -18.94
C GLU B 179 9.26 9.26 -19.79
N GLN B 180 9.00 9.26 -21.10
N GLN B 180 8.85 9.41 -21.06
CA GLN B 180 9.70 10.15 -22.01
CA GLN B 180 9.48 10.39 -21.96
C GLN B 180 8.96 11.47 -22.20
C GLN B 180 8.57 11.56 -22.29
N SER B 181 7.92 11.71 -21.43
N SER B 181 7.81 12.07 -21.32
CA SER B 181 7.26 13.00 -21.48
CA SER B 181 6.74 13.02 -21.60
C SER B 181 8.05 14.02 -20.66
C SER B 181 7.00 14.45 -21.14
N SER B 182 7.60 15.25 -20.71
N SER B 182 8.00 14.68 -20.27
CA SER B 182 8.11 16.27 -19.81
CA SER B 182 8.28 15.98 -19.67
C SER B 182 7.05 16.62 -18.78
C SER B 182 7.07 16.54 -18.90
N ALA B 183 6.23 15.63 -18.39
CA ALA B 183 5.07 15.92 -17.56
C ALA B 183 5.20 15.12 -16.27
N LEU B 184 4.90 15.77 -15.16
CA LEU B 184 4.81 15.10 -13.87
C LEU B 184 3.50 14.35 -13.74
N ILE B 185 3.53 13.24 -13.03
CA ILE B 185 2.31 12.56 -12.60
C ILE B 185 2.47 12.23 -11.11
N PRO B 186 1.40 12.21 -10.34
CA PRO B 186 1.48 11.74 -8.96
C PRO B 186 1.49 10.23 -8.89
N LEU B 187 2.24 9.71 -7.92
CA LEU B 187 2.17 8.30 -7.61
C LEU B 187 0.82 8.00 -6.94
N PRO B 188 0.25 6.83 -7.20
CA PRO B 188 -1.06 6.52 -6.58
C PRO B 188 -0.89 6.24 -5.10
N MET B 189 -1.90 6.65 -4.33
CA MET B 189 -1.92 6.43 -2.90
C MET B 189 -3.26 5.81 -2.55
N MET B 190 -3.23 4.64 -2.00
CA MET B 190 -4.54 4.08 -1.70
C MET B 190 -4.86 4.31 -0.23
N PRO B 191 -6.01 4.88 0.09
CA PRO B 191 -6.39 5.05 1.50
C PRO B 191 -6.61 3.69 2.14
N VAL B 192 -5.87 3.42 3.22
CA VAL B 192 -5.95 2.18 3.96
C VAL B 192 -5.90 2.50 5.45
N GLU B 193 -6.27 1.51 6.25
CA GLU B 193 -6.05 1.57 7.69
C GLU B 193 -4.89 0.67 8.07
N PHE B 194 -4.06 1.14 9.00
CA PHE B 194 -3.00 0.29 9.52
C PHE B 194 -3.60 -0.95 10.17
N ALA B 195 -3.04 -2.12 9.87
CA ALA B 195 -3.60 -3.39 10.36
C ALA B 195 -3.10 -3.71 11.77
N ARG B 196 -3.52 -2.87 12.72
N ARG B 196 -3.51 -2.86 12.72
CA ARG B 196 -2.90 -2.89 14.05
CA ARG B 196 -2.89 -2.89 14.05
C ARG B 196 -3.28 -4.14 14.85
C ARG B 196 -3.26 -4.15 14.83
N SER B 197 -4.55 -4.55 14.82
CA SER B 197 -4.96 -5.70 15.62
C SER B 197 -4.26 -6.98 15.17
N ARG B 198 -4.09 -7.18 13.86
CA ARG B 198 -3.44 -8.39 13.37
C ARG B 198 -1.91 -8.33 13.49
N LEU B 199 -1.32 -7.14 13.55
CA LEU B 199 0.13 -7.03 13.62
C LEU B 199 0.64 -6.95 15.06
N GLU B 200 -0.22 -6.54 16.00
N GLU B 200 -0.23 -6.54 15.99
CA GLU B 200 0.23 -6.33 17.37
CA GLU B 200 0.18 -6.35 17.38
C GLU B 200 0.88 -7.55 18.03
C GLU B 200 0.87 -7.54 18.02
N PRO B 201 0.47 -8.80 17.78
CA PRO B 201 1.23 -9.93 18.36
C PRO B 201 2.69 -9.97 17.92
N LEU B 202 3.06 -9.27 16.85
CA LEU B 202 4.46 -9.22 16.44
C LEU B 202 5.26 -8.18 17.19
N ARG B 203 4.61 -7.29 17.94
CA ARG B 203 5.33 -6.18 18.58
C ARG B 203 6.55 -6.64 19.38
N PRO B 204 6.49 -7.65 20.25
CA PRO B 204 7.70 -8.05 20.99
C PRO B 204 8.79 -8.59 20.10
N LEU B 205 8.45 -9.24 18.98
CA LEU B 205 9.45 -9.78 18.06
C LEU B 205 10.14 -8.67 17.29
N LEU B 206 9.39 -7.66 16.86
CA LEU B 206 9.99 -6.54 16.18
C LEU B 206 10.91 -5.78 17.11
N GLU B 207 10.49 -5.60 18.36
CA GLU B 207 11.35 -4.92 19.31
C GLU B 207 12.59 -5.75 19.60
N ARG B 208 12.45 -7.08 19.69
CA ARG B 208 13.59 -7.96 19.88
C ARG B 208 14.61 -7.80 18.77
N ILE B 209 14.13 -7.81 17.52
CA ILE B 209 15.05 -7.61 16.40
C ILE B 209 15.74 -6.25 16.50
N GLN B 210 15.00 -5.22 16.93
CA GLN B 210 15.64 -3.93 17.00
C GLN B 210 16.69 -3.89 18.11
N ASN B 211 16.47 -4.63 19.20
CA ASN B 211 17.42 -4.60 20.30
C ASN B 211 18.58 -5.57 20.11
N GLU B 212 18.36 -6.66 19.38
CA GLU B 212 19.29 -7.78 19.29
C GLU B 212 19.89 -7.97 17.91
N THR B 213 19.56 -7.09 16.96
CA THR B 213 19.99 -7.08 15.56
C THR B 213 19.26 -8.10 14.70
N ALA B 214 19.17 -9.34 15.17
CA ALA B 214 18.53 -10.41 14.41
C ALA B 214 18.13 -11.50 15.39
N ILE B 215 17.07 -12.22 15.04
CA ILE B 215 16.57 -13.33 15.86
C ILE B 215 16.29 -14.53 14.96
N PRO B 216 16.10 -15.73 15.50
CA PRO B 216 15.85 -16.88 14.64
C PRO B 216 14.52 -16.74 13.92
N ARG B 217 14.52 -17.12 12.65
CA ARG B 217 13.27 -17.12 11.88
C ARG B 217 12.21 -17.97 12.54
N ALA B 218 12.62 -19.01 13.27
CA ALA B 218 11.65 -19.89 13.92
C ALA B 218 10.80 -19.15 14.94
N GLU B 219 11.31 -18.06 15.51
CA GLU B 219 10.51 -17.28 16.45
C GLU B 219 9.31 -16.65 15.75
N LEU B 220 9.42 -16.38 14.46
CA LEU B 220 8.31 -15.79 13.72
C LEU B 220 7.08 -16.69 13.76
N ASP B 221 7.28 -17.98 13.53
CA ASP B 221 6.15 -18.91 13.47
C ASP B 221 5.59 -19.26 14.85
N LYS B 222 6.41 -19.15 15.89
CA LYS B 222 5.97 -19.47 17.24
C LYS B 222 4.95 -18.47 17.77
N ARG B 230 1.11 -16.07 6.86
CA ARG B 230 2.51 -16.28 6.53
C ARG B 230 3.02 -15.21 5.58
N GLU B 231 2.08 -14.51 4.91
CA GLU B 231 2.47 -13.40 4.07
C GLU B 231 3.06 -12.25 4.89
N ILE B 232 2.50 -12.02 6.09
CA ILE B 232 3.05 -11.00 6.95
C ILE B 232 4.49 -11.32 7.33
N LEU B 233 4.75 -12.59 7.62
CA LEU B 233 6.10 -12.98 8.02
C LEU B 233 7.10 -12.73 6.91
N ASP B 234 6.71 -12.97 5.65
CA ASP B 234 7.65 -12.78 4.56
C ASP B 234 7.89 -11.30 4.30
N SER B 235 6.84 -10.47 4.40
CA SER B 235 6.96 -9.08 3.99
C SER B 235 7.56 -8.18 5.07
N LEU B 236 7.59 -8.62 6.32
CA LEU B 236 8.14 -7.79 7.40
C LEU B 236 9.59 -8.12 7.70
N PHE B 237 10.13 -9.22 7.19
CA PHE B 237 11.41 -9.71 7.66
C PHE B 237 12.31 -10.08 6.49
N GLU B 238 13.63 -10.08 6.75
CA GLU B 238 14.63 -10.48 5.76
C GLU B 238 15.53 -11.56 6.35
N ASP B 239 15.76 -12.63 5.59
CA ASP B 239 16.75 -13.62 5.98
C ASP B 239 18.15 -13.00 5.89
N VAL B 240 18.96 -13.17 6.95
CA VAL B 240 20.29 -12.58 6.96
C VAL B 240 21.39 -13.61 7.14
N GLY B 241 21.04 -14.90 7.25
CA GLY B 241 22.05 -15.94 7.41
C GLY B 241 21.94 -16.68 8.72
N GLN B 242 22.41 -17.93 8.76
CA GLN B 242 22.46 -18.73 9.98
C GLN B 242 21.09 -18.87 10.64
N GLY B 243 20.04 -18.87 9.83
CA GLY B 243 18.69 -19.04 10.33
C GLY B 243 18.07 -17.83 10.98
N GLN B 244 18.66 -16.64 10.80
CA GLN B 244 18.24 -15.43 11.51
C GLN B 244 17.51 -14.50 10.56
N VAL B 245 16.69 -13.62 11.13
CA VAL B 245 16.00 -12.60 10.36
C VAL B 245 16.15 -11.24 11.01
N SER B 246 16.16 -10.20 10.17
N SER B 246 16.17 -10.20 10.18
CA SER B 246 16.10 -8.81 10.58
CA SER B 246 16.05 -8.82 10.62
C SER B 246 14.84 -8.20 9.96
C SER B 246 14.90 -8.18 9.86
N LEU B 247 14.73 -6.87 10.01
CA LEU B 247 13.54 -6.21 9.47
C LEU B 247 13.73 -5.85 8.01
N SER B 248 12.63 -5.89 7.28
CA SER B 248 12.50 -5.18 6.02
C SER B 248 12.03 -3.76 6.31
N PRO B 249 12.05 -2.86 5.31
CA PRO B 249 11.46 -1.54 5.52
C PRO B 249 10.01 -1.60 6.01
N VAL B 250 9.21 -2.55 5.49
CA VAL B 250 7.83 -2.67 5.96
C VAL B 250 7.81 -3.04 7.44
N GLY B 251 8.64 -4.00 7.83
CA GLY B 251 8.76 -4.33 9.25
C GLY B 251 9.20 -3.15 10.11
N PHE B 252 10.14 -2.34 9.59
CA PHE B 252 10.57 -1.15 10.31
C PHE B 252 9.43 -0.16 10.48
N LEU B 253 8.69 0.09 9.39
CA LEU B 253 7.58 1.05 9.46
C LEU B 253 6.51 0.59 10.45
N ILE B 254 6.25 -0.73 10.48
CA ILE B 254 5.26 -1.25 11.43
C ILE B 254 5.80 -1.17 12.85
N TRP B 255 7.06 -1.55 13.06
CA TRP B 255 7.68 -1.40 14.38
C TRP B 255 7.58 0.03 14.87
N GLU B 256 7.89 1.00 14.01
CA GLU B 256 7.87 2.41 14.42
C GLU B 256 6.46 2.85 14.80
N GLU B 257 5.45 2.43 14.03
CA GLU B 257 4.07 2.81 14.33
C GLU B 257 3.57 2.16 15.62
N LEU B 258 4.01 0.93 15.90
CA LEU B 258 3.56 0.28 17.12
C LEU B 258 4.21 0.93 18.34
N GLU B 259 5.48 1.32 18.23
CA GLU B 259 6.16 1.92 19.37
C GLU B 259 5.71 3.36 19.61
N ARG B 260 5.36 4.07 18.55
CA ARG B 260 5.03 5.50 18.63
C ARG B 260 3.84 5.74 17.72
N PRO B 261 2.63 5.42 18.19
CA PRO B 261 1.45 5.53 17.33
C PRO B 261 1.21 6.95 16.88
N THR B 262 0.77 7.09 15.62
CA THR B 262 0.38 8.37 15.06
C THR B 262 -1.12 8.47 14.89
N ALA B 263 -1.85 7.41 15.22
CA ALA B 263 -3.29 7.45 15.37
C ALA B 263 -3.67 6.38 16.39
N LEU B 264 -4.82 6.59 17.04
CA LEU B 264 -5.37 5.64 17.99
C LEU B 264 -6.68 5.09 17.45
N VAL B 265 -7.07 3.91 17.92
CA VAL B 265 -8.37 3.32 17.61
C VAL B 265 -9.18 3.33 18.90
N PRO B 266 -10.36 3.94 18.92
CA PRO B 266 -11.18 3.92 20.14
C PRO B 266 -11.86 2.58 20.38
N PHE B 267 -11.87 2.17 21.65
CA PHE B 267 -12.56 0.98 22.13
C PHE B 267 -13.47 1.36 23.28
N LEU B 268 -14.65 0.74 23.38
CA LEU B 268 -15.57 1.01 24.48
C LEU B 268 -15.61 -0.17 25.44
N SER B 269 -15.50 0.10 26.75
CA SER B 269 -15.73 -0.95 27.72
C SER B 269 -17.18 -1.42 27.64
N ARG B 270 -17.48 -2.55 28.28
CA ARG B 270 -18.86 -3.03 28.33
C ARG B 270 -19.78 -1.98 28.91
N ARG B 271 -19.34 -1.30 29.97
CA ARG B 271 -20.15 -0.24 30.55
C ARG B 271 -20.27 0.97 29.62
N ALA B 272 -19.20 1.33 28.92
CA ALA B 272 -19.27 2.52 28.08
C ALA B 272 -20.21 2.36 26.89
N LEU B 273 -20.31 1.16 26.33
CA LEU B 273 -21.27 0.95 25.24
C LEU B 273 -22.70 1.12 25.75
N ASP B 274 -23.00 0.59 26.94
CA ASP B 274 -24.27 0.89 27.60
C ASP B 274 -24.47 2.39 27.76
N ASP B 275 -23.45 3.06 28.31
CA ASP B 275 -23.52 4.51 28.51
C ASP B 275 -23.83 5.22 27.20
N LEU B 276 -23.12 4.86 26.14
CA LEU B 276 -23.29 5.53 24.86
C LEU B 276 -24.71 5.36 24.32
N LEU B 277 -25.26 4.15 24.42
CA LEU B 277 -26.59 3.89 23.88
C LEU B 277 -27.66 4.71 24.62
N LYS B 278 -27.48 4.94 25.92
CA LYS B 278 -28.42 5.79 26.65
C LYS B 278 -28.33 7.26 26.27
N MET B 279 -27.19 7.71 25.75
N MET B 279 -27.16 7.70 25.77
CA MET B 279 -27.08 9.10 25.32
CA MET B 279 -26.97 9.07 25.30
C MET B 279 -27.55 9.31 23.89
C MET B 279 -27.58 9.30 23.92
N ARG B 280 -27.94 8.24 23.19
CA ARG B 280 -28.41 8.38 21.81
C ARG B 280 -29.62 9.30 21.72
N ALA B 281 -30.53 9.22 22.69
CA ALA B 281 -31.72 10.06 22.67
C ALA B 281 -31.35 11.54 22.76
N THR B 282 -30.45 11.89 23.68
CA THR B 282 -30.13 13.30 23.88
C THR B 282 -29.11 13.80 22.87
N GLU B 283 -28.06 13.03 22.60
CA GLU B 283 -26.91 13.55 21.87
C GLU B 283 -26.71 12.93 20.49
N GLY B 284 -27.53 11.97 20.09
CA GLY B 284 -27.34 11.34 18.79
C GLY B 284 -25.97 10.68 18.69
N THR B 285 -25.30 10.88 17.56
CA THR B 285 -23.97 10.34 17.35
C THR B 285 -22.86 11.37 17.59
N ALA B 286 -23.19 12.52 18.16
CA ALA B 286 -22.16 13.47 18.55
C ALA B 286 -21.08 12.84 19.45
N PRO B 287 -21.38 12.03 20.46
CA PRO B 287 -20.30 11.42 21.25
C PRO B 287 -19.39 10.54 20.42
N ASP B 288 -19.97 9.75 19.51
CA ASP B 288 -19.17 8.91 18.62
C ASP B 288 -18.19 9.75 17.82
N ASP B 289 -18.68 10.83 17.22
CA ASP B 289 -17.84 11.67 16.38
C ASP B 289 -16.70 12.26 17.17
N TYR B 290 -16.97 12.69 18.40
CA TYR B 290 -15.96 13.29 19.24
C TYR B 290 -14.86 12.30 19.59
N ILE B 291 -15.21 11.11 20.11
CA ILE B 291 -14.21 10.11 20.45
C ILE B 291 -13.35 9.77 19.23
N THR B 292 -14.01 9.50 18.10
CA THR B 292 -13.30 9.22 16.86
C THR B 292 -12.37 10.37 16.48
N ARG B 293 -12.82 11.62 16.67
CA ARG B 293 -11.98 12.77 16.36
C ARG B 293 -10.76 12.85 17.29
N VAL B 294 -10.97 12.59 18.58
CA VAL B 294 -9.86 12.64 19.53
C VAL B 294 -8.84 11.55 19.24
N ALA B 295 -9.31 10.36 18.83
CA ALA B 295 -8.40 9.26 18.57
C ALA B 295 -7.48 9.54 17.40
N ARG B 296 -7.91 10.41 16.48
CA ARG B 296 -7.10 10.70 15.30
C ARG B 296 -5.84 11.51 15.60
N SER B 297 -5.77 12.15 16.77
CA SER B 297 -4.68 13.07 17.09
C SER B 297 -4.15 12.76 18.49
N PRO B 298 -3.37 11.69 18.64
CA PRO B 298 -2.80 11.37 19.96
C PRO B 298 -1.82 12.40 20.48
N GLU B 299 -1.19 13.19 19.60
CA GLU B 299 -0.32 14.27 20.07
C GLU B 299 -1.14 15.35 20.74
N GLN B 300 -2.23 15.78 20.10
CA GLN B 300 -3.12 16.76 20.72
C GLN B 300 -3.73 16.21 22.00
N LEU B 301 -4.05 14.91 22.01
CA LEU B 301 -4.53 14.28 23.24
C LEU B 301 -3.49 14.34 24.34
N ALA B 302 -2.21 14.25 23.97
CA ALA B 302 -1.11 14.37 24.91
C ALA B 302 -0.98 15.79 25.44
N HIS B 306 -5.79 17.41 31.72
CA HIS B 306 -7.01 16.68 32.08
C HIS B 306 -7.06 16.35 33.57
N GLU B 307 -8.27 16.17 34.12
CA GLU B 307 -8.38 15.63 35.46
C GLU B 307 -7.88 14.19 35.42
N SER B 308 -6.87 13.89 36.24
CA SER B 308 -6.13 12.63 36.15
C SER B 308 -6.38 11.76 37.37
N TRP B 309 -6.64 10.49 37.11
CA TRP B 309 -6.70 9.48 38.16
C TRP B 309 -5.40 8.67 38.13
N SER B 310 -5.33 7.64 38.99
CA SER B 310 -4.21 6.72 38.90
C SER B 310 -4.34 5.77 37.70
N LYS B 311 -3.32 4.94 37.48
CA LYS B 311 -3.34 3.87 36.48
C LYS B 311 -3.44 4.39 35.05
N GLY B 312 -3.08 5.65 34.82
CA GLY B 312 -3.21 6.25 33.50
C GLY B 312 -4.62 6.61 33.07
N LEU B 313 -5.59 6.57 33.98
CA LEU B 313 -6.95 7.00 33.67
C LEU B 313 -7.07 8.52 33.77
N PHE B 314 -7.86 9.12 32.88
CA PHE B 314 -8.07 10.56 32.93
C PHE B 314 -9.38 10.91 32.24
N TRP B 315 -9.82 12.16 32.43
CA TRP B 315 -11.14 12.60 32.00
C TRP B 315 -11.05 13.54 30.82
N LEU B 316 -11.90 13.31 29.83
CA LEU B 316 -12.12 14.21 28.70
C LEU B 316 -13.51 14.82 28.80
N LYS B 317 -13.64 16.07 28.35
CA LYS B 317 -14.94 16.73 28.24
C LYS B 317 -15.13 17.22 26.81
N ARG B 318 -16.26 16.84 26.19
CA ARG B 318 -16.49 17.18 24.79
C ARG B 318 -16.69 18.68 24.60
N GLY B 319 -17.47 19.31 25.47
CA GLY B 319 -17.71 20.74 25.37
C GLY B 319 -17.88 21.40 26.72
N THR B 322 -21.72 20.59 27.19
CA THR B 322 -22.20 19.24 26.95
C THR B 322 -22.22 18.45 28.25
N ARG B 323 -23.20 17.57 28.38
CA ARG B 323 -23.31 16.77 29.60
C ARG B 323 -22.25 15.68 29.67
N ASP B 324 -21.77 15.21 28.52
CA ASP B 324 -21.02 13.96 28.49
C ASP B 324 -19.55 14.19 28.82
N ARG B 325 -19.02 13.35 29.70
CA ARG B 325 -17.62 13.32 30.06
C ARG B 325 -17.13 11.88 29.94
N TYR B 326 -15.85 11.70 29.63
CA TYR B 326 -15.30 10.42 29.20
C TYR B 326 -14.16 10.04 30.12
N LEU B 327 -14.28 8.89 30.77
CA LEU B 327 -13.16 8.34 31.54
C LEU B 327 -12.38 7.43 30.60
N VAL B 328 -11.13 7.79 30.30
CA VAL B 328 -10.35 7.10 29.28
C VAL B 328 -8.95 6.73 29.77
N SER B 329 -8.32 5.82 29.02
CA SER B 329 -6.87 5.60 29.13
C SER B 329 -6.37 5.22 27.74
N VAL B 330 -5.06 5.24 27.56
CA VAL B 330 -4.45 4.85 26.30
C VAL B 330 -3.52 3.68 26.56
N GLU B 331 -3.73 2.58 25.84
CA GLU B 331 -2.83 1.43 25.91
C GLU B 331 -2.29 1.20 24.50
N GLY B 332 -1.08 1.67 24.24
CA GLY B 332 -0.53 1.51 22.90
C GLY B 332 -1.33 2.30 21.89
N TRP B 333 -1.88 1.62 20.88
CA TRP B 333 -2.67 2.28 19.86
C TRP B 333 -4.16 2.32 20.19
N ARG B 334 -4.57 1.82 21.34
CA ARG B 334 -5.99 1.73 21.68
C ARG B 334 -6.37 2.85 22.63
N LEU B 335 -7.36 3.67 22.24
CA LEU B 335 -7.94 4.64 23.18
C LEU B 335 -9.10 3.94 23.86
N LEU B 336 -8.94 3.65 25.16
CA LEU B 336 -9.92 2.88 25.91
C LEU B 336 -10.88 3.83 26.59
N VAL B 337 -12.17 3.69 26.30
CA VAL B 337 -13.21 4.49 26.93
C VAL B 337 -13.83 3.61 28.00
N TRP B 338 -13.54 3.92 29.27
CA TRP B 338 -14.03 3.10 30.37
C TRP B 338 -15.48 3.45 30.73
N ARG B 339 -15.81 4.74 30.75
CA ARG B 339 -17.16 5.19 31.07
C ARG B 339 -17.46 6.45 30.27
N ILE B 340 -18.74 6.68 29.99
CA ILE B 340 -19.23 7.94 29.46
C ILE B 340 -20.36 8.36 30.38
N VAL B 341 -20.24 9.54 31.00
CA VAL B 341 -21.12 9.91 32.10
C VAL B 341 -21.62 11.33 31.92
N ASP B 342 -22.75 11.63 32.58
CA ASP B 342 -23.26 12.99 32.62
C ASP B 342 -22.63 13.72 33.81
N HIS B 343 -23.02 14.98 34.01
CA HIS B 343 -22.29 15.80 34.98
C HIS B 343 -22.53 15.32 36.40
N ASP B 344 -23.74 14.83 36.71
CA ASP B 344 -24.04 14.37 38.06
C ASP B 344 -23.19 13.16 38.43
N GLU B 345 -23.11 12.16 37.54
CA GLU B 345 -22.30 10.98 37.84
C GLU B 345 -20.81 11.32 37.85
N TYR B 346 -20.39 12.25 36.97
CA TYR B 346 -19.03 12.76 37.01
C TYR B 346 -18.69 13.32 38.39
N ASP B 347 -19.57 14.18 38.93
CA ASP B 347 -19.32 14.74 40.26
C ASP B 347 -19.24 13.64 41.31
N ASP B 348 -20.12 12.64 41.21
CA ASP B 348 -20.08 11.54 42.18
C ASP B 348 -18.80 10.73 42.07
N LEU B 349 -18.26 10.58 40.85
CA LEU B 349 -17.03 9.82 40.66
C LEU B 349 -15.84 10.61 41.15
N LEU B 350 -15.84 11.93 40.96
CA LEU B 350 -14.78 12.73 41.55
C LEU B 350 -14.83 12.65 43.08
N THR B 351 -16.03 12.58 43.66
CA THR B 351 -16.09 12.42 45.11
C THR B 351 -15.49 11.09 45.53
N GLN B 352 -15.76 10.03 44.77
CA GLN B 352 -15.15 8.75 45.09
C GLN B 352 -13.62 8.84 45.05
N ASN B 353 -13.07 9.63 44.12
CA ASN B 353 -11.60 9.77 44.05
C ASN B 353 -11.04 10.68 45.13
N ARG B 354 -11.88 11.45 45.81
CA ARG B 354 -11.36 12.19 46.94
C ARG B 354 -11.32 11.31 48.17
N LYS B 355 -12.17 10.28 48.21
CA LYS B 355 -12.29 9.39 49.35
C LYS B 355 -11.45 8.12 49.21
N THR B 356 -11.12 7.71 47.99
CA THR B 356 -10.43 6.46 47.72
C THR B 356 -9.50 6.69 46.54
N ASP B 357 -8.61 5.74 46.30
CA ASP B 357 -7.87 5.74 45.04
C ASP B 357 -8.81 5.13 43.98
N ALA B 358 -9.56 6.00 43.31
CA ALA B 358 -10.63 5.52 42.45
C ALA B 358 -10.09 4.77 41.25
N GLY B 359 -8.94 5.20 40.72
CA GLY B 359 -8.35 4.53 39.58
C GLY B 359 -7.94 3.10 39.90
N ALA B 360 -7.40 2.90 41.10
CA ALA B 360 -7.02 1.55 41.47
C ALA B 360 -8.25 0.65 41.57
N ARG B 361 -9.37 1.20 42.02
CA ARG B 361 -10.57 0.38 42.13
C ARG B 361 -11.16 0.06 40.76
N VAL B 362 -11.04 0.99 39.79
CA VAL B 362 -11.51 0.73 38.44
C VAL B 362 -10.76 -0.44 37.81
N VAL B 363 -9.42 -0.42 37.91
CA VAL B 363 -8.66 -1.46 37.21
C VAL B 363 -8.80 -2.79 37.93
N ALA B 364 -9.00 -2.77 39.25
CA ALA B 364 -9.29 -3.99 39.98
C ALA B 364 -10.51 -4.71 39.41
N GLU B 365 -11.48 -3.95 38.88
CA GLU B 365 -12.70 -4.50 38.34
C GLU B 365 -12.66 -4.63 36.82
N ARG B 366 -11.47 -4.49 36.20
CA ARG B 366 -11.40 -4.49 34.75
C ARG B 366 -12.04 -5.73 34.14
N ARG B 367 -11.65 -6.92 34.64
CA ARG B 367 -12.14 -8.15 34.04
C ARG B 367 -13.63 -8.35 34.29
N GLU B 368 -14.10 -8.08 35.51
CA GLU B 368 -15.49 -8.38 35.83
C GLU B 368 -16.46 -7.35 35.25
N LYS B 369 -16.08 -6.08 35.20
CA LYS B 369 -17.01 -5.02 34.87
C LYS B 369 -16.77 -4.38 33.50
N TYR B 370 -15.53 -4.27 33.05
CA TYR B 370 -15.23 -3.45 31.88
C TYR B 370 -14.87 -4.24 30.65
N ALA B 371 -14.15 -5.34 30.80
CA ALA B 371 -13.71 -6.13 29.66
C ALA B 371 -14.84 -7.06 29.20
N PRO B 372 -14.88 -7.42 27.91
CA PRO B 372 -13.98 -7.00 26.84
C PRO B 372 -14.25 -5.58 26.37
N PHE B 373 -13.19 -4.86 25.98
CA PHE B 373 -13.36 -3.63 25.23
C PHE B 373 -13.64 -4.00 23.76
N VAL B 374 -14.55 -3.27 23.14
N VAL B 374 -14.54 -3.27 23.13
CA VAL B 374 -14.94 -3.53 21.76
CA VAL B 374 -14.95 -3.53 21.76
C VAL B 374 -14.65 -2.28 20.94
C VAL B 374 -14.69 -2.29 20.93
N ARG B 375 -14.26 -2.50 19.69
CA ARG B 375 -13.90 -1.39 18.83
C ARG B 375 -15.12 -0.52 18.59
N LEU B 376 -14.93 0.80 18.63
CA LEU B 376 -15.99 1.75 18.35
C LEU B 376 -16.17 1.82 16.83
N GLU B 377 -16.89 0.83 16.32
CA GLU B 377 -17.31 0.81 14.92
C GLU B 377 -18.71 0.21 14.95
N LEU B 378 -19.70 1.09 15.07
CA LEU B 378 -21.08 0.67 15.28
C LEU B 378 -21.83 0.70 13.96
N TYR B 379 -22.60 -0.36 13.70
CA TYR B 379 -23.37 -0.49 12.48
C TYR B 379 -24.83 -0.43 12.86
N GLU B 380 -25.50 0.66 12.48
CA GLU B 380 -26.88 0.93 12.87
C GLU B 380 -27.57 1.78 11.82
N SER B 386 -30.43 -1.84 0.90
CA SER B 386 -31.18 -2.50 -0.16
C SER B 386 -30.27 -3.12 -1.22
N HIS B 387 -29.68 -4.26 -0.89
CA HIS B 387 -28.87 -5.04 -1.81
C HIS B 387 -29.29 -6.50 -1.76
N PRO B 388 -28.97 -7.28 -2.80
CA PRO B 388 -29.35 -8.70 -2.80
C PRO B 388 -28.74 -9.43 -1.60
N GLN B 389 -29.47 -10.44 -1.13
CA GLN B 389 -28.99 -11.21 0.02
C GLN B 389 -27.78 -12.05 -0.37
N PHE B 390 -27.15 -12.67 0.63
CA PHE B 390 -25.97 -13.49 0.35
C PHE B 390 -26.32 -14.76 -0.41
#